data_7BVD
#
_entry.id   7BVD
#
_cell.length_a   60.822
_cell.length_b   66.076
_cell.length_c   80.718
_cell.angle_alpha   81.880
_cell.angle_beta   72.730
_cell.angle_gamma   70.880
#
_symmetry.space_group_name_H-M   'P 1'
#
loop_
_entity.id
_entity.type
_entity.pdbx_description
1 polymer 'Anthranilate synthase component 1'
2 non-polymer 'BENZOIC ACID'
3 non-polymer 'MAGNESIUM ION'
4 non-polymer 'PYRUVIC ACID'
5 non-polymer GLYCEROL
6 water water
#
_entity_poly.entity_id   1
_entity_poly.type   'polypeptide(L)'
_entity_poly.pdbx_seq_one_letter_code
;MQTTANHSSRSTQTGTRAHGAALAETTSREDFRALATEHRVVPVIRKVLADSETPLSAYRKLAANRPGTFLLESAENGRS
WSRWSFIGAGAPSALTVRDNAAAWLGTAPEGAPSGGDPLDALRATLDLLKTEAMAGLPPLSSGLVGFFAYDMVRRLERLP
ELAVDDLGLPDMLLLLATDIAAVDHHEGTITLIANAVNWNGTDERVDWAYDDAVARLDVMTKALGQPLTSAVATFSRPAP
DHRAQRTMEEYTEIVDKLVGDIEAGEAFQVVPSQRFEMDTAADPLDVYRILRVTNPSPYMYLLNIPDADGGLDFSIVGSS
PEALVTVKDGRATTHPIAGTRWRGATEEEDVLLEKELLADEKERAEHLMLVDLGRNDLGRVCRPGTVRVDDYSHIERYSH
VMHLVSTVTGELAEDKTALDAVTACFPAGTLSGAPKVRAMELIEEVEKTRRGLYGGVVGYLDFAGNADFAIAIRTALMRN
GTAYVQAGGGVVADSNGPYEYTEAANKARAVLNAIAAAATLAEP
;
_entity_poly.pdbx_strand_id   A,B
#
loop_
_chem_comp.id
_chem_comp.type
_chem_comp.name
_chem_comp.formula
BEZ non-polymer 'BENZOIC ACID' 'C7 H6 O2'
GOL non-polymer GLYCEROL 'C3 H8 O3'
MG non-polymer 'MAGNESIUM ION' 'Mg 2'
PYR non-polymer 'PYRUVIC ACID' 'C3 H4 O3'
#
# COMPACT_ATOMS: atom_id res chain seq x y z
N ALA A 21 14.50 20.19 12.21
CA ALA A 21 14.68 19.41 13.45
C ALA A 21 14.52 17.91 13.17
N ALA A 22 14.56 17.12 14.25
CA ALA A 22 14.59 15.68 14.11
C ALA A 22 13.20 15.13 13.81
N LEU A 23 13.17 14.13 12.93
CA LEU A 23 11.89 13.49 12.62
C LEU A 23 11.18 13.02 13.88
N ALA A 24 11.92 12.36 14.78
CA ALA A 24 11.36 11.72 15.94
C ALA A 24 11.31 12.63 17.16
N GLU A 25 11.29 13.93 16.94
CA GLU A 25 11.14 14.88 18.05
C GLU A 25 9.84 14.57 18.80
N THR A 26 9.94 14.43 20.11
CA THR A 26 8.77 14.11 20.92
C THR A 26 8.06 15.39 21.32
N THR A 27 6.73 15.34 21.36
CA THR A 27 5.94 16.41 21.96
C THR A 27 6.67 16.93 23.18
N SER A 28 6.90 18.25 23.22
CA SER A 28 7.65 18.84 24.32
C SER A 28 6.79 18.96 25.58
N ARG A 29 7.46 19.01 26.74
CA ARG A 29 6.77 19.19 28.02
C ARG A 29 5.91 20.45 28.01
N GLU A 30 6.41 21.51 27.38
CA GLU A 30 5.72 22.78 27.38
C GLU A 30 4.48 22.76 26.51
N ASP A 31 4.56 22.08 25.34
CA ASP A 31 3.39 21.90 24.52
C ASP A 31 2.38 20.99 25.21
N PHE A 32 2.86 19.96 25.90
CA PHE A 32 1.95 19.07 26.63
C PHE A 32 1.21 19.83 27.71
N ARG A 33 1.93 20.64 28.49
CA ARG A 33 1.30 21.43 29.54
C ARG A 33 0.19 22.29 28.99
N ALA A 34 0.45 22.99 27.89
CA ALA A 34 -0.54 23.90 27.33
C ALA A 34 -1.77 23.14 26.87
N LEU A 35 -1.57 21.99 26.25
CA LEU A 35 -2.71 21.20 25.82
C LEU A 35 -3.47 20.65 27.03
N ALA A 36 -2.75 20.26 28.07
CA ALA A 36 -3.39 19.61 29.21
C ALA A 36 -4.30 20.56 29.97
N THR A 37 -4.23 21.87 29.70
CA THR A 37 -5.12 22.82 30.37
C THR A 37 -6.50 22.86 29.73
N GLU A 38 -6.62 22.41 28.48
CA GLU A 38 -7.87 22.49 27.73
C GLU A 38 -8.46 21.13 27.37
N HIS A 39 -7.66 20.07 27.41
CA HIS A 39 -8.05 18.80 26.81
C HIS A 39 -7.94 17.67 27.81
N ARG A 40 -8.95 16.79 27.84
CA ARG A 40 -8.93 15.67 28.79
C ARG A 40 -7.97 14.57 28.37
N VAL A 41 -7.89 14.27 27.08
CA VAL A 41 -6.98 13.23 26.61
C VAL A 41 -5.94 13.92 25.74
N VAL A 42 -4.68 13.85 26.17
CA VAL A 42 -3.59 14.58 25.52
C VAL A 42 -2.54 13.60 24.98
N PRO A 43 -2.31 13.57 23.68
CA PRO A 43 -1.32 12.65 23.12
C PRO A 43 0.09 13.23 23.20
N VAL A 44 1.02 12.41 23.64
CA VAL A 44 2.46 12.65 23.47
C VAL A 44 2.92 11.76 22.33
N ILE A 45 3.49 12.35 21.28
CA ILE A 45 3.74 11.60 20.05
C ILE A 45 5.19 11.69 19.62
N ARG A 46 5.56 10.70 18.81
CA ARG A 46 6.89 10.57 18.29
C ARG A 46 6.74 9.80 17.00
N LYS A 47 7.16 10.41 15.90
CA LYS A 47 7.13 9.75 14.60
C LYS A 47 8.52 9.22 14.26
N VAL A 48 8.56 8.01 13.69
CA VAL A 48 9.81 7.35 13.32
C VAL A 48 9.70 6.85 11.90
N LEU A 49 10.85 6.81 11.21
CA LEU A 49 10.94 6.19 9.90
C LEU A 49 10.96 4.69 10.13
N ALA A 50 10.03 3.96 9.51
CA ALA A 50 9.88 2.52 9.71
C ALA A 50 9.60 1.87 8.36
N ASP A 51 10.46 2.19 7.38
CA ASP A 51 10.25 1.78 5.99
C ASP A 51 10.64 0.33 5.73
N SER A 52 11.22 -0.38 6.70
CA SER A 52 11.38 -1.82 6.63
C SER A 52 10.42 -2.56 7.54
N GLU A 53 9.39 -1.89 8.06
CA GLU A 53 8.36 -2.53 8.85
C GLU A 53 7.04 -2.53 8.09
N THR A 54 6.23 -3.53 8.35
CA THR A 54 4.83 -3.58 7.92
C THR A 54 3.95 -3.48 9.14
N PRO A 55 2.64 -3.37 8.97
CA PRO A 55 1.79 -3.42 10.17
C PRO A 55 1.97 -4.72 10.93
N LEU A 56 2.18 -5.83 10.25
CA LEU A 56 2.34 -7.10 10.97
C LEU A 56 3.67 -7.17 11.69
N SER A 57 4.77 -6.74 11.05
CA SER A 57 6.05 -6.76 11.74
C SER A 57 6.04 -5.78 12.93
N ALA A 58 5.44 -4.62 12.75
CA ALA A 58 5.31 -3.67 13.86
C ALA A 58 4.46 -4.25 14.98
N TYR A 59 3.38 -4.96 14.62
CA TYR A 59 2.57 -5.61 15.65
C TYR A 59 3.37 -6.67 16.39
N ARG A 60 4.18 -7.45 15.65
CA ARG A 60 4.96 -8.50 16.31
C ARG A 60 5.95 -7.89 17.30
N LYS A 61 6.54 -6.75 16.94
CA LYS A 61 7.52 -6.09 17.82
C LYS A 61 6.86 -5.41 19.00
N LEU A 62 5.75 -4.71 18.78
CA LEU A 62 5.15 -3.81 19.76
C LEU A 62 4.19 -4.51 20.72
N ALA A 63 3.44 -5.50 20.23
CA ALA A 63 2.29 -6.09 20.90
C ALA A 63 2.52 -7.56 21.20
N ALA A 64 3.01 -8.33 20.23
CA ALA A 64 3.51 -9.67 20.48
C ALA A 64 2.44 -10.56 21.10
N ASN A 65 1.21 -10.39 20.64
CA ASN A 65 0.06 -11.17 21.09
C ASN A 65 -0.25 -11.04 22.58
N ARG A 66 0.31 -10.05 23.26
CA ARG A 66 0.02 -9.91 24.68
C ARG A 66 -1.46 -9.62 24.91
N PRO A 67 -2.00 -10.02 26.06
CA PRO A 67 -3.36 -9.57 26.41
C PRO A 67 -3.46 -8.07 26.37
N GLY A 68 -4.60 -7.59 25.90
CA GLY A 68 -4.86 -6.18 25.83
C GLY A 68 -4.32 -5.50 24.60
N THR A 69 -3.81 -6.24 23.62
CA THR A 69 -3.31 -5.67 22.39
C THR A 69 -4.27 -5.93 21.24
N PHE A 70 -4.06 -5.18 20.16
CA PHE A 70 -4.95 -5.26 19.02
C PHE A 70 -4.26 -4.80 17.74
N LEU A 71 -4.81 -5.26 16.62
CA LEU A 71 -4.39 -4.83 15.29
C LEU A 71 -5.68 -4.54 14.51
N LEU A 72 -5.76 -3.37 13.88
CA LEU A 72 -6.90 -3.01 13.04
C LEU A 72 -6.36 -2.55 11.69
N GLU A 73 -6.87 -3.14 10.61
CA GLU A 73 -6.47 -2.74 9.26
C GLU A 73 -7.73 -2.67 8.42
N SER A 74 -7.62 -1.99 7.28
CA SER A 74 -8.76 -1.80 6.40
C SER A 74 -8.32 -1.79 4.93
N ALA A 75 -8.85 -2.70 4.14
CA ALA A 75 -8.74 -2.56 2.68
C ALA A 75 -9.69 -1.46 2.20
N GLU A 76 -9.31 -0.74 1.19
CA GLU A 76 -10.10 0.38 0.70
C GLU A 76 -10.48 0.26 -0.76
N ASN A 77 -11.55 0.95 -1.12
CA ASN A 77 -12.07 0.91 -2.47
C ASN A 77 -11.16 1.67 -3.41
N ARG A 79 -8.19 0.44 -4.35
CA ARG A 79 -8.26 -1.02 -4.23
C ARG A 79 -7.00 -1.58 -3.56
N SER A 80 -6.66 -1.01 -2.40
CA SER A 80 -5.44 -1.34 -1.67
C SER A 80 -5.75 -1.33 -0.17
N TRP A 81 -4.70 -1.46 0.64
CA TRP A 81 -4.81 -1.16 2.07
C TRP A 81 -4.89 0.34 2.26
N SER A 82 -5.76 0.76 3.17
CA SER A 82 -5.86 2.17 3.47
C SER A 82 -4.50 2.68 3.96
N ARG A 83 -4.41 3.99 4.09
CA ARG A 83 -3.14 4.60 4.45
C ARG A 83 -2.67 4.11 5.80
N TRP A 84 -3.58 4.01 6.78
CA TRP A 84 -3.23 3.77 8.17
C TRP A 84 -3.64 2.38 8.62
N SER A 85 -2.79 1.77 9.44
CA SER A 85 -3.12 0.59 10.23
C SER A 85 -2.86 0.98 11.68
N PHE A 86 -3.59 0.36 12.62
CA PHE A 86 -3.56 0.76 14.01
C PHE A 86 -3.20 -0.43 14.88
N ILE A 87 -2.14 -0.26 15.68
CA ILE A 87 -1.72 -1.24 16.66
C ILE A 87 -1.99 -0.68 18.05
N GLY A 88 -2.69 -1.45 18.87
CA GLY A 88 -2.85 -1.15 20.27
C GLY A 88 -1.77 -1.91 20.99
N ALA A 89 -0.80 -1.20 21.55
CA ALA A 89 0.42 -1.85 22.01
C ALA A 89 0.29 -2.45 23.38
N GLY A 90 -0.75 -2.10 24.13
CA GLY A 90 -1.03 -2.87 25.31
C GLY A 90 -1.80 -1.95 26.22
N ALA A 91 -3.05 -2.29 26.48
CA ALA A 91 -3.92 -1.50 27.32
C ALA A 91 -3.95 -2.09 28.71
N PRO A 92 -3.49 -1.34 29.72
CA PRO A 92 -3.64 -1.80 31.11
C PRO A 92 -5.08 -1.89 31.59
N SER A 93 -6.00 -1.14 30.99
CA SER A 93 -7.38 -1.05 31.45
C SER A 93 -8.37 -1.44 30.37
N ALA A 94 -9.40 -2.20 30.76
CA ALA A 94 -10.52 -2.53 29.89
C ALA A 94 -11.84 -2.39 30.64
N LEU A 95 -12.82 -1.82 29.98
CA LEU A 95 -14.17 -1.67 30.53
C LEU A 95 -15.03 -2.82 30.04
N THR A 96 -15.57 -3.61 30.98
CA THR A 96 -16.34 -4.79 30.58
C THR A 96 -17.52 -4.95 31.54
N VAL A 97 -18.02 -6.17 31.64
CA VAL A 97 -19.15 -6.52 32.47
C VAL A 97 -18.72 -7.65 33.39
N ARG A 98 -18.96 -7.50 34.69
CA ARG A 98 -18.74 -8.54 35.68
C ARG A 98 -19.94 -8.56 36.61
N ASP A 99 -20.52 -9.73 36.82
CA ASP A 99 -21.70 -9.89 37.68
C ASP A 99 -22.78 -8.87 37.32
N ASN A 100 -23.01 -8.76 36.03
CA ASN A 100 -24.11 -7.99 35.45
C ASN A 100 -23.95 -6.49 35.63
N ALA A 101 -22.74 -6.02 35.95
CA ALA A 101 -22.50 -4.60 36.07
C ALA A 101 -21.21 -4.19 35.41
N ALA A 102 -21.16 -2.93 34.98
CA ALA A 102 -19.92 -2.40 34.42
C ALA A 102 -18.78 -2.54 35.40
N ALA A 103 -17.63 -2.94 34.89
CA ALA A 103 -16.44 -3.14 35.71
C ALA A 103 -15.19 -2.99 34.86
N TRP A 104 -14.15 -2.45 35.48
CA TRP A 104 -12.84 -2.38 34.82
C TRP A 104 -12.00 -3.60 35.14
N LEU A 105 -11.32 -4.11 34.12
CA LEU A 105 -10.28 -5.12 34.24
C LEU A 105 -8.91 -4.48 34.26
N GLY A 106 -8.02 -5.10 35.03
CA GLY A 106 -6.70 -4.56 35.24
C GLY A 106 -6.79 -3.38 36.17
N THR A 107 -6.26 -2.26 35.72
CA THR A 107 -6.32 -1.04 36.49
C THR A 107 -7.71 -0.42 36.36
N ALA A 108 -8.37 -0.20 37.49
CA ALA A 108 -9.57 0.61 37.52
C ALA A 108 -9.16 2.05 37.74
N PRO A 109 -9.25 2.93 36.75
CA PRO A 109 -8.73 4.29 36.92
C PRO A 109 -9.53 5.06 37.96
N GLU A 110 -8.83 5.87 38.74
CA GLU A 110 -9.51 6.65 39.77
C GLU A 110 -10.45 7.67 39.14
N GLY A 111 -11.70 7.67 39.58
CA GLY A 111 -12.69 8.59 39.04
C GLY A 111 -13.34 8.10 37.77
N ALA A 112 -12.94 6.98 37.26
CA ALA A 112 -13.56 6.48 36.03
C ALA A 112 -14.92 5.85 36.34
N PRO A 113 -15.89 6.02 35.45
CA PRO A 113 -17.19 5.40 35.67
C PRO A 113 -17.11 3.89 35.79
N SER A 114 -17.82 3.35 36.78
CA SER A 114 -18.01 1.92 36.94
C SER A 114 -19.36 1.66 37.58
N GLY A 115 -19.72 0.37 37.62
CA GLY A 115 -20.99 -0.07 38.15
C GLY A 115 -22.16 0.25 37.24
N GLY A 116 -23.31 -0.24 37.67
CA GLY A 116 -24.55 -0.05 36.93
C GLY A 116 -24.52 -0.70 35.55
N ASP A 117 -25.35 -0.16 34.67
CA ASP A 117 -25.50 -0.70 33.33
C ASP A 117 -24.23 -0.43 32.52
N PRO A 118 -23.74 -1.40 31.75
CA PRO A 118 -22.47 -1.16 31.03
C PRO A 118 -22.58 -0.05 29.99
N LEU A 119 -23.72 0.10 29.31
CA LEU A 119 -23.81 1.15 28.33
C LEU A 119 -23.84 2.53 28.99
N ASP A 120 -24.44 2.63 30.18
CA ASP A 120 -24.37 3.90 30.92
C ASP A 120 -22.95 4.22 31.34
N ALA A 121 -22.22 3.23 31.87
CA ALA A 121 -20.85 3.48 32.28
C ALA A 121 -20.00 3.88 31.08
N LEU A 122 -20.23 3.23 29.92
CA LEU A 122 -19.48 3.60 28.72
C LEU A 122 -19.83 5.00 28.26
N ARG A 123 -21.12 5.35 28.29
CA ARG A 123 -21.52 6.68 27.89
C ARG A 123 -20.89 7.71 28.82
N ALA A 124 -20.86 7.40 30.11
CA ALA A 124 -20.27 8.32 31.08
C ALA A 124 -18.76 8.43 30.87
N THR A 125 -18.12 7.34 30.45
CA THR A 125 -16.68 7.37 30.19
C THR A 125 -16.37 8.26 29.00
N LEU A 126 -17.06 8.03 27.88
CA LEU A 126 -16.88 8.87 26.70
C LEU A 126 -17.19 10.34 26.99
N ASP A 127 -18.23 10.62 27.80
CA ASP A 127 -18.54 12.01 28.15
C ASP A 127 -17.37 12.65 28.86
N LEU A 128 -16.80 11.92 29.82
CA LEU A 128 -15.74 12.45 30.65
C LEU A 128 -14.51 12.76 29.84
N LEU A 129 -14.19 11.88 28.89
CA LEU A 129 -12.95 11.94 28.14
C LEU A 129 -13.07 12.73 26.86
N LYS A 130 -14.27 13.21 26.53
CA LYS A 130 -14.49 13.91 25.27
C LYS A 130 -13.46 15.00 25.10
N THR A 131 -12.76 14.93 23.98
CA THR A 131 -11.65 15.82 23.65
C THR A 131 -11.73 16.18 22.17
N GLU A 132 -11.71 17.48 21.90
CA GLU A 132 -11.67 18.00 20.53
C GLU A 132 -10.60 17.29 19.70
N ALA A 133 -10.96 17.01 18.44
CA ALA A 133 -10.01 16.47 17.48
C ALA A 133 -8.89 17.48 17.25
N MET A 134 -7.67 17.04 17.44
CA MET A 134 -6.50 17.90 17.32
C MET A 134 -5.89 17.76 15.94
N ALA A 135 -5.39 18.86 15.41
CA ALA A 135 -4.76 18.84 14.10
C ALA A 135 -3.48 18.03 14.15
N GLY A 136 -3.18 17.37 13.03
CA GLY A 136 -1.87 16.75 12.89
C GLY A 136 -1.74 15.37 13.48
N LEU A 137 -2.84 14.71 13.83
CA LEU A 137 -2.82 13.37 14.38
C LEU A 137 -3.31 12.35 13.36
N PRO A 138 -2.91 11.09 13.50
CA PRO A 138 -3.52 10.03 12.69
C PRO A 138 -5.01 9.92 12.99
N PRO A 139 -5.75 9.18 12.16
CA PRO A 139 -7.22 9.21 12.27
C PRO A 139 -7.75 8.63 13.55
N LEU A 140 -7.05 7.69 14.16
CA LEU A 140 -7.43 7.11 15.45
C LEU A 140 -6.23 7.29 16.37
N SER A 141 -6.36 8.15 17.38
CA SER A 141 -5.22 8.48 18.24
C SER A 141 -5.45 8.09 19.69
N SER A 142 -6.68 7.76 20.06
CA SER A 142 -7.02 7.26 21.38
C SER A 142 -8.47 6.81 21.30
N GLY A 143 -8.81 5.84 22.11
CA GLY A 143 -10.22 5.51 22.20
C GLY A 143 -10.41 4.21 22.94
N LEU A 144 -11.63 3.71 22.79
CA LEU A 144 -12.06 2.45 23.39
C LEU A 144 -12.24 1.48 22.22
N VAL A 145 -11.48 0.39 22.24
CA VAL A 145 -11.41 -0.58 21.15
C VAL A 145 -11.88 -1.93 21.65
N GLY A 146 -12.82 -2.54 20.93
CA GLY A 146 -13.25 -3.82 21.44
C GLY A 146 -14.53 -4.29 20.80
N PHE A 147 -15.42 -4.93 21.56
CA PHE A 147 -16.60 -5.52 20.98
C PHE A 147 -17.82 -5.32 21.86
N PHE A 148 -18.99 -5.35 21.22
CA PHE A 148 -20.27 -5.61 21.87
C PHE A 148 -20.76 -6.98 21.42
N ALA A 149 -21.02 -7.87 22.37
CA ALA A 149 -21.69 -9.11 22.04
C ALA A 149 -23.12 -8.85 21.54
N TYR A 150 -23.60 -9.73 20.66
CA TYR A 150 -25.00 -9.71 20.26
C TYR A 150 -25.91 -9.57 21.47
N ASP A 151 -25.62 -10.31 22.54
CA ASP A 151 -26.51 -10.39 23.68
C ASP A 151 -26.56 -9.09 24.47
N MET A 152 -25.71 -8.11 24.16
CA MET A 152 -25.95 -6.77 24.70
C MET A 152 -27.37 -6.30 24.37
N VAL A 153 -27.97 -6.81 23.29
CA VAL A 153 -29.31 -6.36 22.88
C VAL A 153 -30.32 -6.68 23.99
N ARG A 154 -30.04 -7.66 24.85
CA ARG A 154 -30.98 -7.99 25.90
C ARG A 154 -31.11 -6.86 26.92
N ARG A 155 -30.14 -5.94 26.99
CA ARG A 155 -30.26 -4.74 27.81
C ARG A 155 -31.00 -3.62 27.10
N LEU A 156 -31.30 -3.77 25.82
CA LEU A 156 -31.97 -2.77 25.00
C LEU A 156 -33.40 -3.16 24.66
N GLU A 157 -33.69 -4.46 24.64
CA GLU A 157 -35.00 -4.99 24.26
C GLU A 157 -35.31 -6.18 25.14
N ARG A 158 -36.59 -6.38 25.43
CA ARG A 158 -36.97 -7.58 26.18
C ARG A 158 -37.06 -8.75 25.21
N LEU A 159 -36.24 -9.77 25.46
CA LEU A 159 -36.22 -10.96 24.65
C LEU A 159 -36.35 -12.20 25.53
N PRO A 160 -36.93 -13.28 24.99
CA PRO A 160 -36.99 -14.53 25.75
C PRO A 160 -35.61 -15.02 26.12
N GLU A 161 -35.58 -15.91 27.11
CA GLU A 161 -34.36 -16.56 27.59
C GLU A 161 -34.51 -18.06 27.41
N LEU A 162 -34.27 -18.53 26.17
CA LEU A 162 -34.45 -19.92 25.78
C LEU A 162 -33.14 -20.59 25.39
N ALA A 163 -32.30 -19.90 24.64
CA ALA A 163 -31.03 -20.45 24.19
C ALA A 163 -30.04 -20.55 25.36
N VAL A 164 -29.15 -21.55 25.28
CA VAL A 164 -28.18 -21.80 26.34
C VAL A 164 -26.97 -20.89 26.16
N ASP A 165 -26.54 -20.23 27.23
CA ASP A 165 -25.32 -19.42 27.21
C ASP A 165 -24.18 -20.32 27.59
N ASP A 166 -23.57 -20.99 26.61
CA ASP A 166 -22.47 -21.88 26.92
C ASP A 166 -21.10 -21.25 26.72
N LEU A 167 -21.00 -20.10 26.04
CA LEU A 167 -19.70 -19.45 25.84
C LEU A 167 -19.32 -18.54 27.00
N GLY A 168 -20.32 -17.99 27.68
CA GLY A 168 -20.04 -17.17 28.84
C GLY A 168 -19.34 -15.86 28.53
N LEU A 169 -19.58 -15.30 27.37
CA LEU A 169 -18.92 -14.05 27.01
C LEU A 169 -19.54 -12.85 27.70
N PRO A 170 -18.77 -11.78 27.91
CA PRO A 170 -19.37 -10.55 28.46
C PRO A 170 -20.06 -9.75 27.36
N ASP A 171 -21.07 -9.00 27.77
CA ASP A 171 -21.84 -8.22 26.80
C ASP A 171 -20.99 -7.19 26.08
N MET A 172 -19.87 -6.77 26.66
CA MET A 172 -18.93 -5.89 26.00
C MET A 172 -17.59 -6.05 26.67
N LEU A 173 -16.55 -5.73 25.91
CA LEU A 173 -15.23 -5.45 26.48
C LEU A 173 -14.55 -4.45 25.57
N LEU A 174 -14.18 -3.31 26.14
CA LEU A 174 -13.51 -2.25 25.40
C LEU A 174 -12.16 -1.96 26.06
N LEU A 175 -11.09 -2.14 25.28
CA LEU A 175 -9.74 -1.77 25.70
C LEU A 175 -9.57 -0.26 25.67
N LEU A 176 -9.04 0.32 26.76
CA LEU A 176 -8.75 1.75 26.80
C LEU A 176 -7.39 1.93 26.14
N ALA A 177 -7.41 2.31 24.87
CA ALA A 177 -6.21 2.17 24.03
C ALA A 177 -5.46 3.48 24.14
N THR A 178 -4.53 3.53 25.10
CA THR A 178 -3.78 4.73 25.37
C THR A 178 -2.40 4.73 24.72
N ASP A 179 -1.85 3.55 24.39
CA ASP A 179 -0.57 3.41 23.70
C ASP A 179 -0.89 2.84 22.32
N ILE A 180 -0.74 3.65 21.28
CA ILE A 180 -1.10 3.29 19.92
C ILE A 180 0.11 3.51 19.02
N ALA A 181 0.26 2.64 18.04
CA ALA A 181 1.20 2.88 16.96
C ALA A 181 0.38 2.95 15.68
N ALA A 182 0.42 4.10 15.02
CA ALA A 182 -0.28 4.28 13.77
C ALA A 182 0.74 4.12 12.65
N VAL A 183 0.49 3.16 11.77
CA VAL A 183 1.41 2.78 10.71
C VAL A 183 0.92 3.43 9.42
N ASP A 184 1.73 4.31 8.85
CA ASP A 184 1.40 5.05 7.63
C ASP A 184 2.05 4.33 6.47
N HIS A 185 1.26 3.55 5.72
CA HIS A 185 1.83 2.76 4.62
C HIS A 185 2.41 3.64 3.53
N HIS A 186 1.87 4.84 3.30
CA HIS A 186 2.42 5.60 2.18
C HIS A 186 3.75 6.24 2.52
N GLU A 187 3.86 6.84 3.70
CA GLU A 187 5.11 7.44 4.14
C GLU A 187 6.16 6.43 4.54
N GLY A 188 5.77 5.23 4.92
CA GLY A 188 6.70 4.31 5.56
C GLY A 188 7.17 4.75 6.93
N THR A 189 6.28 5.37 7.71
CA THR A 189 6.55 5.89 9.03
C THR A 189 5.55 5.30 10.01
N ILE A 190 5.91 5.37 11.28
CA ILE A 190 5.01 4.98 12.37
C ILE A 190 4.93 6.16 13.32
N THR A 191 3.74 6.56 13.67
CA THR A 191 3.52 7.60 14.68
C THR A 191 3.13 6.87 15.96
N LEU A 192 4.02 6.94 16.94
CA LEU A 192 3.81 6.37 18.25
C LEU A 192 3.09 7.40 19.10
N ILE A 193 2.04 6.95 19.78
CA ILE A 193 1.20 7.84 20.57
C ILE A 193 1.07 7.26 21.97
N ALA A 194 1.31 8.08 22.97
CA ALA A 194 1.06 7.67 24.35
C ALA A 194 0.21 8.77 24.96
N ASN A 195 -1.05 8.44 25.23
CA ASN A 195 -2.02 9.44 25.69
C ASN A 195 -1.98 9.56 27.19
N ALA A 196 -2.08 10.81 27.64
CA ALA A 196 -2.34 11.12 29.04
C ALA A 196 -3.83 11.33 29.19
N VAL A 197 -4.43 10.64 30.17
CA VAL A 197 -5.86 10.68 30.38
C VAL A 197 -6.13 11.35 31.73
N ASN A 198 -6.83 12.46 31.67
CA ASN A 198 -7.12 13.26 32.88
C ASN A 198 -8.55 12.95 33.34
N TRP A 199 -8.69 12.00 34.25
CA TRP A 199 -10.01 11.53 34.62
C TRP A 199 -10.73 12.55 35.51
N ASN A 200 -10.01 13.15 36.44
CA ASN A 200 -10.65 14.05 37.41
C ASN A 200 -10.68 15.51 36.96
N GLY A 201 -9.95 15.84 35.90
CA GLY A 201 -9.99 17.18 35.34
C GLY A 201 -9.13 18.20 36.06
N THR A 202 -8.21 17.78 36.93
CA THR A 202 -7.32 18.69 37.63
C THR A 202 -5.98 18.79 36.90
N ASP A 203 -5.19 19.78 37.31
CA ASP A 203 -3.86 19.96 36.77
C ASP A 203 -2.79 19.61 37.80
N GLU A 204 -3.12 18.70 38.71
CA GLU A 204 -2.22 18.39 39.82
C GLU A 204 -0.94 17.70 39.35
N ARG A 205 -1.05 16.80 38.39
CA ARG A 205 0.04 15.87 38.09
C ARG A 205 0.47 15.95 36.62
N VAL A 206 0.49 17.16 36.06
CA VAL A 206 0.78 17.33 34.64
C VAL A 206 2.18 16.83 34.29
N ASP A 207 3.19 17.15 35.11
CA ASP A 207 4.54 16.72 34.74
C ASP A 207 4.71 15.22 34.92
N TRP A 208 4.07 14.63 35.93
CA TRP A 208 4.08 13.18 36.09
C TRP A 208 3.42 12.52 34.89
N ALA A 209 2.31 13.09 34.44
CA ALA A 209 1.61 12.50 33.28
C ALA A 209 2.51 12.55 32.05
N TYR A 210 3.21 13.68 31.84
CA TYR A 210 4.09 13.80 30.70
C TYR A 210 5.21 12.75 30.78
N ASP A 211 5.83 12.62 31.96
CA ASP A 211 6.91 11.65 32.12
C ASP A 211 6.41 10.23 31.88
N ASP A 212 5.20 9.93 32.34
CA ASP A 212 4.66 8.59 32.20
C ASP A 212 4.42 8.28 30.73
N ALA A 213 3.90 9.25 29.98
CA ALA A 213 3.70 9.07 28.54
C ALA A 213 5.02 8.91 27.80
N VAL A 214 6.01 9.73 28.12
CA VAL A 214 7.31 9.60 27.47
C VAL A 214 7.91 8.23 27.75
N ALA A 215 7.72 7.74 28.97
CA ALA A 215 8.25 6.42 29.31
C ALA A 215 7.60 5.35 28.44
N ARG A 216 6.29 5.47 28.24
CA ARG A 216 5.55 4.53 27.38
C ARG A 216 6.03 4.62 25.94
N LEU A 217 6.25 5.83 25.42
CA LEU A 217 6.85 5.97 24.10
C LEU A 217 8.22 5.30 24.03
N ASP A 218 9.04 5.44 25.07
CA ASP A 218 10.37 4.82 25.03
C ASP A 218 10.27 3.28 25.00
N VAL A 219 9.29 2.70 25.69
CA VAL A 219 9.09 1.25 25.64
C VAL A 219 8.76 0.81 24.22
N MET A 220 7.85 1.53 23.58
CA MET A 220 7.50 1.15 22.21
C MET A 220 8.67 1.37 21.26
N THR A 221 9.43 2.46 21.45
CA THR A 221 10.59 2.75 20.59
C THR A 221 11.66 1.67 20.71
N LYS A 222 11.94 1.26 21.94
CA LYS A 222 12.89 0.19 22.17
C LYS A 222 12.43 -1.09 21.51
N ALA A 223 11.14 -1.39 21.60
CA ALA A 223 10.60 -2.59 20.95
C ALA A 223 10.81 -2.55 19.45
N LEU A 224 10.62 -1.39 18.82
CA LEU A 224 10.81 -1.29 17.38
C LEU A 224 12.26 -1.40 17.01
N GLY A 225 13.17 -1.11 17.92
CA GLY A 225 14.59 -1.22 17.64
C GLY A 225 15.15 -2.64 17.66
N GLN A 226 14.34 -3.64 18.00
CA GLN A 226 14.87 -4.99 18.09
C GLN A 226 14.94 -5.62 16.70
N PRO A 227 15.83 -6.58 16.52
CA PRO A 227 15.79 -7.39 15.29
C PRO A 227 14.56 -8.27 15.28
N LEU A 228 14.31 -8.90 14.14
CA LEU A 228 13.13 -9.74 14.00
C LEU A 228 13.44 -10.90 13.08
N THR A 229 13.05 -12.08 13.53
CA THR A 229 13.17 -13.29 12.72
C THR A 229 12.25 -13.22 11.51
N SER A 230 12.63 -13.91 10.46
CA SER A 230 11.79 -13.91 9.27
C SER A 230 10.47 -14.60 9.53
N ALA A 231 9.45 -14.13 8.84
CA ALA A 231 8.15 -14.81 8.78
C ALA A 231 7.76 -15.16 7.35
N VAL A 232 8.74 -15.18 6.44
CA VAL A 232 8.45 -15.59 5.07
C VAL A 232 8.07 -17.07 5.06
N ALA A 233 6.98 -17.38 4.37
CA ALA A 233 6.28 -18.63 4.64
C ALA A 233 5.59 -19.15 3.39
N THR A 234 5.34 -20.46 3.41
CA THR A 234 4.38 -21.13 2.57
C THR A 234 3.28 -21.71 3.46
N PHE A 235 2.13 -21.98 2.87
CA PHE A 235 1.06 -22.70 3.54
C PHE A 235 0.26 -23.44 2.48
N SER A 236 -0.42 -24.48 2.91
CA SER A 236 -1.39 -25.16 2.07
C SER A 236 -2.81 -24.96 2.62
N ARG A 237 -3.79 -25.53 1.91
CA ARG A 237 -5.20 -25.30 2.22
C ARG A 237 -5.92 -26.61 2.44
N PRO A 238 -5.66 -27.30 3.52
CA PRO A 238 -6.37 -28.54 3.81
C PRO A 238 -7.78 -28.27 4.31
N ALA A 239 -8.64 -29.25 4.10
CA ALA A 239 -9.99 -29.16 4.60
C ALA A 239 -9.97 -29.10 6.13
N PRO A 240 -10.78 -28.24 6.76
CA PRO A 240 -10.82 -28.20 8.23
C PRO A 240 -11.63 -29.34 8.82
N ASP A 241 -11.09 -29.96 9.86
CA ASP A 241 -11.80 -30.94 10.66
C ASP A 241 -12.62 -30.18 11.68
N HIS A 242 -13.93 -30.15 11.50
CA HIS A 242 -14.77 -29.26 12.31
C HIS A 242 -16.07 -29.94 12.64
N ARG A 243 -16.78 -29.35 13.57
CA ARG A 243 -18.06 -29.83 14.05
C ARG A 243 -19.09 -28.73 13.90
N ALA A 244 -20.34 -29.14 13.71
CA ALA A 244 -21.45 -28.21 13.58
C ALA A 244 -22.51 -28.52 14.62
N GLN A 245 -23.37 -27.55 14.89
CA GLN A 245 -24.47 -27.81 15.80
C GLN A 245 -25.63 -28.53 15.12
N ARG A 246 -25.90 -28.18 13.87
CA ARG A 246 -27.04 -28.67 13.09
C ARG A 246 -26.57 -29.42 11.86
N THR A 247 -27.18 -30.58 11.59
CA THR A 247 -27.08 -31.20 10.27
C THR A 247 -27.90 -30.41 9.23
N MET A 248 -27.73 -30.76 7.97
CA MET A 248 -28.56 -30.14 6.93
C MET A 248 -30.05 -30.35 7.20
N GLU A 249 -30.43 -31.54 7.63
CA GLU A 249 -31.85 -31.80 7.87
C GLU A 249 -32.38 -31.00 9.06
N GLU A 250 -31.60 -30.92 10.15
CA GLU A 250 -31.94 -30.12 11.32
C GLU A 250 -32.08 -28.66 10.93
N TYR A 251 -31.16 -28.15 10.13
CA TYR A 251 -31.20 -26.75 9.74
C TYR A 251 -32.39 -26.47 8.85
N THR A 252 -32.75 -27.46 8.04
CA THR A 252 -33.93 -27.34 7.18
C THR A 252 -35.19 -27.21 8.00
N GLU A 253 -35.29 -27.96 9.11
CA GLU A 253 -36.44 -27.81 9.98
C GLU A 253 -36.56 -26.36 10.47
N ILE A 254 -35.44 -25.74 10.84
CA ILE A 254 -35.44 -24.36 11.32
C ILE A 254 -35.89 -23.43 10.21
N VAL A 255 -35.38 -23.62 9.00
CA VAL A 255 -35.71 -22.73 7.90
C VAL A 255 -37.19 -22.87 7.55
N ASP A 256 -37.68 -24.12 7.49
CA ASP A 256 -39.09 -24.35 7.20
C ASP A 256 -39.99 -23.73 8.26
N LYS A 257 -39.61 -23.83 9.54
CA LYS A 257 -40.36 -23.21 10.62
C LYS A 257 -40.44 -21.70 10.43
N LEU A 258 -39.31 -21.08 10.11
CA LEU A 258 -39.30 -19.62 9.94
C LEU A 258 -40.08 -19.20 8.70
N VAL A 259 -40.00 -19.97 7.63
CA VAL A 259 -40.80 -19.66 6.45
C VAL A 259 -42.28 -19.66 6.81
N GLY A 260 -42.69 -20.60 7.66
CA GLY A 260 -44.06 -20.62 8.13
C GLY A 260 -44.44 -19.38 8.91
N ASP A 261 -43.56 -18.93 9.81
CA ASP A 261 -43.82 -17.71 10.57
C ASP A 261 -43.90 -16.50 9.64
N ILE A 262 -43.09 -16.47 8.58
CA ILE A 262 -43.14 -15.38 7.61
C ILE A 262 -44.45 -15.43 6.82
N GLU A 263 -44.84 -16.62 6.36
CA GLU A 263 -46.11 -16.76 5.66
C GLU A 263 -47.27 -16.33 6.55
N ALA A 264 -47.18 -16.60 7.85
CA ALA A 264 -48.22 -16.22 8.81
C ALA A 264 -48.22 -14.74 9.16
N GLY A 265 -47.25 -13.96 8.68
CA GLY A 265 -47.18 -12.53 8.94
C GLY A 265 -46.40 -12.10 10.16
N GLU A 266 -45.67 -13.01 10.80
CA GLU A 266 -44.90 -12.64 11.96
C GLU A 266 -43.74 -11.73 11.58
N ALA A 267 -43.20 -11.92 10.38
CA ALA A 267 -42.00 -11.18 9.98
C ALA A 267 -41.88 -11.18 8.48
N PHE A 268 -41.05 -10.26 7.97
CA PHE A 268 -40.68 -10.30 6.56
C PHE A 268 -39.48 -11.21 6.30
N GLN A 269 -38.56 -11.25 7.24
CA GLN A 269 -37.33 -12.01 7.05
C GLN A 269 -36.67 -12.16 8.40
N VAL A 270 -35.95 -13.26 8.57
CA VAL A 270 -35.31 -13.64 9.85
C VAL A 270 -33.98 -14.28 9.51
N VAL A 271 -32.97 -14.05 10.34
CA VAL A 271 -31.61 -14.52 10.03
C VAL A 271 -31.18 -15.55 11.05
N PRO A 272 -31.48 -16.83 10.86
CA PRO A 272 -30.95 -17.86 11.75
C PRO A 272 -29.48 -18.11 11.45
N SER A 273 -28.86 -18.89 12.33
CA SER A 273 -27.45 -19.19 12.23
C SER A 273 -27.16 -20.46 13.03
N GLN A 274 -25.93 -20.94 12.89
CA GLN A 274 -25.45 -21.99 13.76
C GLN A 274 -23.95 -21.82 13.97
N ARG A 275 -23.46 -22.45 15.02
CA ARG A 275 -22.07 -22.34 15.41
C ARG A 275 -21.30 -23.58 14.97
N PHE A 276 -20.11 -23.35 14.42
CA PHE A 276 -19.15 -24.38 14.07
C PHE A 276 -17.94 -24.26 14.98
N GLU A 277 -17.22 -25.38 15.19
CA GLU A 277 -16.00 -25.28 15.98
C GLU A 277 -14.97 -26.27 15.48
N MET A 278 -13.71 -25.97 15.80
CA MET A 278 -12.62 -26.87 15.45
C MET A 278 -11.52 -26.71 16.49
N ASP A 279 -10.79 -27.79 16.71
CA ASP A 279 -9.55 -27.74 17.47
C ASP A 279 -8.47 -27.05 16.66
N THR A 280 -7.64 -26.27 17.33
CA THR A 280 -6.53 -25.61 16.68
C THR A 280 -5.48 -25.25 17.71
N ALA A 281 -4.23 -25.41 17.33
CA ALA A 281 -3.11 -24.87 18.10
C ALA A 281 -2.51 -23.64 17.42
N ALA A 282 -3.18 -23.12 16.39
CA ALA A 282 -2.64 -22.01 15.63
C ALA A 282 -2.60 -20.72 16.43
N ASP A 283 -1.55 -19.94 16.18
CA ASP A 283 -1.41 -18.58 16.70
C ASP A 283 -2.50 -17.70 16.09
N PRO A 284 -3.25 -16.92 16.89
CA PRO A 284 -4.27 -16.10 16.25
C PRO A 284 -3.73 -15.14 15.22
N LEU A 285 -2.49 -14.67 15.35
CA LEU A 285 -1.97 -13.79 14.31
C LEU A 285 -1.75 -14.57 13.02
N ASP A 286 -1.49 -15.86 13.13
CA ASP A 286 -1.33 -16.63 11.90
C ASP A 286 -2.67 -16.84 11.22
N VAL A 287 -3.75 -16.97 11.99
CA VAL A 287 -5.08 -17.01 11.40
C VAL A 287 -5.35 -15.70 10.70
N TYR A 288 -5.05 -14.59 11.39
CA TYR A 288 -5.20 -13.27 10.80
C TYR A 288 -4.45 -13.16 9.47
N ARG A 289 -3.21 -13.64 9.45
CA ARG A 289 -2.41 -13.56 8.24
C ARG A 289 -3.08 -14.30 7.06
N ILE A 290 -3.67 -15.47 7.32
CA ILE A 290 -4.33 -16.19 6.22
C ILE A 290 -5.58 -15.46 5.76
N LEU A 291 -6.37 -14.91 6.70
CA LEU A 291 -7.53 -14.15 6.26
C LEU A 291 -7.09 -12.94 5.44
N ARG A 292 -5.97 -12.34 5.82
CA ARG A 292 -5.53 -11.10 5.18
C ARG A 292 -5.13 -11.35 3.74
N VAL A 293 -4.46 -12.45 3.49
CA VAL A 293 -3.98 -12.70 2.13
C VAL A 293 -5.08 -13.31 1.30
N THR A 294 -6.03 -14.02 1.96
CA THR A 294 -7.10 -14.73 1.26
C THR A 294 -8.28 -13.83 0.89
N ASN A 295 -8.75 -12.99 1.81
CA ASN A 295 -9.83 -12.05 1.47
C ASN A 295 -9.69 -10.79 2.31
N PRO A 296 -8.86 -9.86 1.84
CA PRO A 296 -8.76 -8.56 2.50
C PRO A 296 -10.11 -7.87 2.50
N SER A 297 -10.44 -7.26 3.63
CA SER A 297 -11.74 -6.64 3.79
C SER A 297 -11.59 -5.25 4.40
N PRO A 298 -12.64 -4.43 4.31
CA PRO A 298 -12.62 -3.11 4.96
C PRO A 298 -12.44 -3.17 6.46
N TYR A 299 -12.64 -4.34 7.10
CA TYR A 299 -12.50 -4.47 8.55
C TYR A 299 -11.73 -5.75 8.90
N MET A 300 -10.44 -5.63 9.04
CA MET A 300 -9.62 -6.70 9.57
C MET A 300 -9.32 -6.40 11.02
N TYR A 301 -9.34 -7.43 11.87
CA TYR A 301 -9.03 -7.16 13.25
C TYR A 301 -8.52 -8.41 13.94
N LEU A 302 -7.64 -8.17 14.88
CA LEU A 302 -7.15 -9.14 15.85
C LEU A 302 -7.21 -8.45 17.20
N LEU A 303 -7.96 -9.00 18.14
CA LEU A 303 -8.05 -8.49 19.50
C LEU A 303 -7.69 -9.60 20.47
N ASN A 304 -6.76 -9.32 21.37
CA ASN A 304 -6.35 -10.25 22.40
C ASN A 304 -6.99 -9.77 23.70
N ILE A 305 -8.01 -10.48 24.13
CA ILE A 305 -8.90 -10.02 25.19
C ILE A 305 -8.31 -10.52 26.54
N PRO A 306 -8.06 -9.61 27.47
CA PRO A 306 -7.49 -10.02 28.76
C PRO A 306 -8.54 -10.59 29.70
N ASP A 307 -8.10 -11.52 30.55
CA ASP A 307 -8.93 -11.94 31.66
C ASP A 307 -8.63 -11.03 32.86
N ALA A 308 -9.32 -11.29 33.98
CA ALA A 308 -9.20 -10.39 35.14
C ALA A 308 -7.83 -10.45 35.80
N ASP A 309 -7.05 -11.51 35.57
CA ASP A 309 -5.72 -11.63 36.14
C ASP A 309 -4.63 -11.17 35.19
N GLY A 310 -4.98 -10.63 34.04
CA GLY A 310 -3.99 -10.16 33.09
C GLY A 310 -3.46 -11.20 32.14
N GLY A 311 -4.00 -12.43 32.17
CA GLY A 311 -3.71 -13.43 31.15
C GLY A 311 -4.63 -13.25 29.96
N LEU A 312 -4.50 -14.16 29.00
CA LEU A 312 -5.31 -14.11 27.80
C LEU A 312 -6.61 -14.89 28.04
N ASP A 313 -7.74 -14.20 27.97
CA ASP A 313 -9.04 -14.84 28.04
C ASP A 313 -9.31 -15.56 26.72
N PHE A 314 -9.26 -14.81 25.62
CA PHE A 314 -9.50 -15.36 24.30
C PHE A 314 -9.05 -14.32 23.28
N SER A 315 -8.90 -14.77 22.05
CA SER A 315 -8.62 -13.85 20.95
C SER A 315 -9.80 -13.83 19.97
N ILE A 316 -9.97 -12.68 19.35
CA ILE A 316 -10.97 -12.46 18.32
C ILE A 316 -10.21 -12.13 17.04
N VAL A 317 -10.43 -12.89 15.98
CA VAL A 317 -9.76 -12.61 14.72
C VAL A 317 -10.78 -12.65 13.60
N GLY A 318 -10.81 -11.63 12.76
CA GLY A 318 -11.85 -11.61 11.77
C GLY A 318 -11.59 -10.64 10.64
N SER A 319 -12.39 -10.80 9.58
CA SER A 319 -12.31 -9.97 8.36
C SER A 319 -13.72 -9.70 7.90
N SER A 320 -14.40 -8.87 8.63
CA SER A 320 -15.78 -8.66 8.33
C SER A 320 -15.91 -7.73 7.13
N PRO A 321 -16.82 -8.04 6.19
CA PRO A 321 -16.98 -7.15 5.05
C PRO A 321 -17.93 -5.98 5.24
N GLU A 322 -18.66 -5.89 6.37
CA GLU A 322 -19.81 -5.00 6.44
C GLU A 322 -19.80 -4.24 7.76
N ALA A 323 -19.95 -2.93 7.67
CA ALA A 323 -20.06 -2.06 8.84
C ALA A 323 -21.47 -2.08 9.42
N LEU A 324 -21.55 -1.88 10.74
CA LEU A 324 -22.83 -1.56 11.36
C LEU A 324 -23.16 -0.09 11.10
N VAL A 325 -22.23 0.76 11.51
CA VAL A 325 -22.38 2.21 11.37
C VAL A 325 -21.02 2.83 11.53
N THR A 326 -20.80 3.94 10.83
CA THR A 326 -19.61 4.76 10.99
C THR A 326 -20.08 6.16 11.38
N VAL A 327 -19.47 6.75 12.41
CA VAL A 327 -19.79 8.10 12.83
C VAL A 327 -18.52 8.93 12.74
N LYS A 328 -18.56 9.98 11.92
CA LYS A 328 -17.42 10.88 11.75
C LYS A 328 -17.97 12.30 11.73
N ASP A 329 -17.51 13.12 12.67
CA ASP A 329 -17.85 14.54 12.69
C ASP A 329 -19.36 14.76 12.67
N GLY A 330 -20.07 14.07 13.56
CA GLY A 330 -21.48 14.26 13.73
C GLY A 330 -22.37 13.65 12.66
N ARG A 331 -21.78 12.96 11.68
CA ARG A 331 -22.53 12.30 10.61
C ARG A 331 -22.45 10.78 10.79
N ALA A 332 -23.63 10.14 10.81
CA ALA A 332 -23.73 8.68 10.90
C ALA A 332 -24.11 8.09 9.55
N THR A 333 -23.35 7.09 9.10
CA THR A 333 -23.58 6.43 7.80
C THR A 333 -23.57 4.93 7.96
N THR A 334 -24.48 4.25 7.25
CA THR A 334 -24.41 2.81 7.08
C THR A 334 -24.36 2.49 5.59
N HIS A 335 -23.79 1.33 5.26
CA HIS A 335 -23.60 0.91 3.88
C HIS A 335 -24.02 -0.55 3.76
N PRO A 336 -25.32 -0.83 3.81
CA PRO A 336 -25.74 -2.22 3.67
C PRO A 336 -25.34 -2.75 2.30
N ILE A 337 -24.84 -3.96 2.30
CA ILE A 337 -24.37 -4.60 1.09
C ILE A 337 -25.54 -5.33 0.44
N ALA A 338 -25.81 -5.00 -0.82
CA ALA A 338 -26.88 -5.65 -1.58
C ALA A 338 -26.43 -6.94 -2.23
N GLY A 339 -25.17 -7.02 -2.62
CA GLY A 339 -24.69 -8.21 -3.31
C GLY A 339 -23.19 -8.11 -3.50
N THR A 340 -22.62 -9.24 -3.90
CA THR A 340 -21.19 -9.41 -4.01
C THR A 340 -20.89 -10.26 -5.24
N ARG A 341 -19.76 -9.98 -5.88
CA ARG A 341 -19.22 -10.82 -6.95
C ARG A 341 -17.72 -10.99 -6.78
N TRP A 342 -17.17 -12.02 -7.43
CA TRP A 342 -15.84 -12.54 -7.18
C TRP A 342 -14.72 -11.77 -7.90
N ARG A 343 -15.00 -10.65 -8.55
CA ARG A 343 -14.01 -10.00 -9.42
C ARG A 343 -13.77 -10.86 -10.66
N GLU A 348 -11.51 -7.14 -17.45
CA GLU A 348 -12.59 -6.91 -18.43
C GLU A 348 -13.70 -7.95 -18.28
N GLU A 349 -13.31 -9.22 -18.08
CA GLU A 349 -14.27 -10.17 -17.51
C GLU A 349 -14.72 -9.72 -16.13
N ASP A 350 -14.02 -8.74 -15.55
CA ASP A 350 -14.44 -8.07 -14.34
C ASP A 350 -15.54 -7.04 -14.61
N VAL A 351 -15.50 -6.41 -15.79
CA VAL A 351 -16.58 -5.50 -16.17
C VAL A 351 -17.89 -6.26 -16.32
N LEU A 352 -17.82 -7.49 -16.86
CA LEU A 352 -19.03 -8.28 -17.02
C LEU A 352 -19.62 -8.67 -15.67
N LEU A 353 -18.77 -9.02 -14.70
CA LEU A 353 -19.28 -9.36 -13.38
C LEU A 353 -19.92 -8.14 -12.73
N GLU A 354 -19.34 -6.96 -12.90
CA GLU A 354 -20.00 -5.74 -12.42
C GLU A 354 -21.39 -5.60 -13.02
N LYS A 355 -21.50 -5.73 -14.35
CA LYS A 355 -22.80 -5.63 -15.01
C LYS A 355 -23.77 -6.65 -14.44
N GLU A 356 -23.32 -7.89 -14.28
CA GLU A 356 -24.16 -8.94 -13.73
C GLU A 356 -24.61 -8.57 -12.31
N LEU A 357 -23.67 -8.12 -11.49
CA LEU A 357 -24.00 -7.71 -10.12
C LEU A 357 -25.06 -6.62 -10.12
N LEU A 358 -24.90 -5.60 -10.95
CA LEU A 358 -25.89 -4.53 -11.01
C LEU A 358 -27.26 -5.05 -11.43
N ALA A 359 -27.30 -6.09 -12.26
CA ALA A 359 -28.58 -6.58 -12.80
C ALA A 359 -29.18 -7.72 -11.99
N ASP A 360 -28.51 -8.21 -10.94
CA ASP A 360 -29.04 -9.30 -10.14
C ASP A 360 -30.05 -8.79 -9.13
N GLU A 361 -31.30 -9.25 -9.23
CA GLU A 361 -32.38 -8.73 -8.41
C GLU A 361 -33.00 -9.78 -7.49
N LYS A 362 -32.38 -10.95 -7.37
CA LYS A 362 -32.98 -12.01 -6.56
C LYS A 362 -33.29 -11.55 -5.14
N GLU A 363 -32.37 -10.80 -4.52
CA GLU A 363 -32.51 -10.42 -3.11
C GLU A 363 -32.82 -8.93 -2.92
N ARG A 364 -33.42 -8.31 -3.93
CA ARG A 364 -33.67 -6.88 -3.88
C ARG A 364 -34.64 -6.50 -2.76
N ALA A 365 -35.72 -7.25 -2.61
CA ALA A 365 -36.72 -6.89 -1.61
C ALA A 365 -36.16 -7.04 -0.21
N GLU A 366 -35.42 -8.11 0.02
CA GLU A 366 -34.72 -8.34 1.27
C GLU A 366 -33.75 -7.19 1.57
N HIS A 367 -32.97 -6.78 0.58
CA HIS A 367 -32.08 -5.63 0.75
C HIS A 367 -32.85 -4.32 1.04
N LEU A 368 -33.91 -4.04 0.28
CA LEU A 368 -34.64 -2.78 0.53
C LEU A 368 -35.32 -2.77 1.88
N MET A 369 -35.74 -3.92 2.38
CA MET A 369 -36.26 -4.00 3.73
C MET A 369 -35.20 -3.57 4.75
N LEU A 370 -33.95 -4.00 4.53
CA LEU A 370 -32.87 -3.61 5.44
C LEU A 370 -32.53 -2.14 5.32
N VAL A 371 -32.54 -1.60 4.10
CA VAL A 371 -32.35 -0.17 3.94
C VAL A 371 -33.42 0.58 4.73
N ASP A 372 -34.66 0.11 4.67
CA ASP A 372 -35.76 0.69 5.41
C ASP A 372 -35.50 0.65 6.91
N LEU A 373 -35.02 -0.49 7.42
CA LEU A 373 -34.66 -0.56 8.83
C LEU A 373 -33.58 0.46 9.19
N GLY A 374 -32.57 0.59 8.35
CA GLY A 374 -31.53 1.59 8.60
C GLY A 374 -32.11 2.98 8.73
N ARG A 375 -33.06 3.32 7.86
CA ARG A 375 -33.78 4.59 8.00
C ARG A 375 -34.49 4.70 9.34
N ASN A 376 -35.18 3.64 9.79
CA ASN A 376 -35.77 3.65 11.11
C ASN A 376 -34.71 3.97 12.15
N ASP A 377 -33.59 3.26 12.07
CA ASP A 377 -32.57 3.32 13.12
C ASP A 377 -31.96 4.71 13.19
N LEU A 378 -31.48 5.24 12.06
CA LEU A 378 -30.85 6.55 12.08
C LEU A 378 -31.86 7.64 12.36
N GLY A 379 -33.12 7.44 11.98
CA GLY A 379 -34.15 8.39 12.37
C GLY A 379 -34.23 8.63 13.87
N ARG A 380 -33.89 7.63 14.68
CA ARG A 380 -34.01 7.76 16.12
C ARG A 380 -32.94 8.67 16.71
N VAL A 381 -31.84 8.95 16.00
CA VAL A 381 -30.72 9.72 16.55
C VAL A 381 -30.34 10.92 15.70
N CYS A 382 -30.95 11.11 14.54
CA CYS A 382 -30.50 12.15 13.63
C CYS A 382 -31.49 13.31 13.62
N ARG A 383 -31.01 14.45 13.15
CA ARG A 383 -31.85 15.64 13.12
C ARG A 383 -32.89 15.48 12.02
N PRO A 384 -34.17 15.66 12.33
CA PRO A 384 -35.21 15.49 11.30
C PRO A 384 -34.86 16.23 10.01
N GLY A 385 -35.09 15.55 8.89
CA GLY A 385 -34.80 16.09 7.58
C GLY A 385 -33.42 15.80 7.05
N THR A 386 -32.52 15.23 7.86
CA THR A 386 -31.17 14.94 7.39
C THR A 386 -30.96 13.48 7.00
N VAL A 387 -31.89 12.58 7.32
CA VAL A 387 -31.71 11.18 6.96
C VAL A 387 -31.95 11.01 5.46
N ARG A 388 -30.91 10.60 4.74
CA ARG A 388 -30.97 10.40 3.30
C ARG A 388 -30.62 8.96 2.95
N VAL A 389 -31.37 8.41 2.01
CA VAL A 389 -31.21 7.05 1.55
C VAL A 389 -30.79 7.10 0.09
N ASP A 390 -29.70 6.43 -0.24
CA ASP A 390 -29.29 6.25 -1.63
C ASP A 390 -29.31 4.75 -1.94
N ASP A 391 -30.46 4.29 -2.44
CA ASP A 391 -30.59 2.92 -2.93
C ASP A 391 -29.48 2.63 -3.95
N TYR A 392 -28.77 1.52 -3.75
CA TYR A 392 -27.80 1.03 -4.72
C TYR A 392 -26.92 2.16 -5.23
N SER A 393 -26.19 2.75 -4.29
CA SER A 393 -25.49 4.00 -4.58
C SER A 393 -24.21 3.76 -5.39
N HIS A 394 -23.49 2.67 -5.15
CA HIS A 394 -22.19 2.52 -5.78
C HIS A 394 -21.64 1.12 -5.53
N ILE A 395 -20.55 0.81 -6.22
CA ILE A 395 -19.86 -0.47 -6.09
C ILE A 395 -18.51 -0.21 -5.45
N GLU A 396 -18.12 -1.09 -4.53
CA GLU A 396 -16.84 -0.98 -3.84
C GLU A 396 -15.98 -2.14 -4.31
N ARG A 397 -14.77 -1.81 -4.75
CA ARG A 397 -13.91 -2.79 -5.41
C ARG A 397 -12.72 -3.09 -4.52
N TYR A 398 -12.64 -4.34 -4.08
CA TYR A 398 -11.53 -4.82 -3.28
C TYR A 398 -10.73 -5.85 -4.09
N SER A 399 -9.70 -6.40 -3.45
CA SER A 399 -8.74 -7.25 -4.15
C SER A 399 -9.42 -8.46 -4.79
N HIS A 400 -10.23 -9.18 -4.03
CA HIS A 400 -10.83 -10.42 -4.51
C HIS A 400 -12.35 -10.37 -4.65
N VAL A 401 -13.01 -9.29 -4.22
CA VAL A 401 -14.46 -9.19 -4.32
C VAL A 401 -14.85 -7.76 -4.63
N MET A 402 -16.07 -7.59 -5.13
CA MET A 402 -16.70 -6.30 -5.28
C MET A 402 -18.05 -6.34 -4.59
N HIS A 403 -18.44 -5.20 -4.02
CA HIS A 403 -19.68 -5.08 -3.26
C HIS A 403 -20.56 -4.03 -3.92
N LEU A 404 -21.81 -4.38 -4.19
CA LEU A 404 -22.82 -3.39 -4.50
C LEU A 404 -23.44 -2.97 -3.17
N VAL A 405 -23.43 -1.67 -2.88
CA VAL A 405 -23.87 -1.17 -1.58
C VAL A 405 -24.94 -0.09 -1.76
N SER A 406 -25.79 0.03 -0.74
CA SER A 406 -26.61 1.21 -0.55
C SER A 406 -26.00 2.05 0.56
N THR A 407 -26.52 3.28 0.71
CA THR A 407 -26.05 4.24 1.71
C THR A 407 -27.24 4.82 2.45
N VAL A 408 -27.16 4.84 3.78
CA VAL A 408 -28.10 5.56 4.63
C VAL A 408 -27.26 6.47 5.52
N THR A 409 -27.61 7.75 5.57
CA THR A 409 -26.77 8.70 6.27
C THR A 409 -27.64 9.79 6.87
N GLY A 410 -27.17 10.37 7.96
CA GLY A 410 -27.91 11.43 8.61
C GLY A 410 -26.95 12.20 9.48
N GLU A 411 -27.43 13.33 9.98
CA GLU A 411 -26.67 14.18 10.89
C GLU A 411 -27.18 13.95 12.31
N LEU A 412 -26.29 13.61 13.22
CA LEU A 412 -26.70 13.33 14.57
C LEU A 412 -27.36 14.56 15.20
N ALA A 413 -28.40 14.32 16.00
CA ALA A 413 -29.04 15.38 16.76
C ALA A 413 -28.09 15.89 17.83
N GLU A 414 -28.30 17.13 18.27
CA GLU A 414 -27.30 17.76 19.14
C GLU A 414 -27.17 17.01 20.46
N ASP A 415 -28.22 16.32 20.90
CA ASP A 415 -28.21 15.60 22.17
C ASP A 415 -27.89 14.11 21.98
N LYS A 416 -27.31 13.75 20.86
CA LYS A 416 -27.05 12.36 20.51
C LYS A 416 -25.59 12.19 20.14
N THR A 417 -25.00 11.10 20.62
CA THR A 417 -23.59 10.81 20.44
C THR A 417 -23.39 9.64 19.48
N ALA A 418 -22.11 9.40 19.12
CA ALA A 418 -21.77 8.24 18.29
C ALA A 418 -22.29 6.96 18.92
N LEU A 419 -22.17 6.83 20.24
CA LEU A 419 -22.64 5.62 20.91
C LEU A 419 -24.14 5.49 20.74
N ASP A 420 -24.89 6.60 20.75
CA ASP A 420 -26.32 6.48 20.55
C ASP A 420 -26.63 5.95 19.18
N ALA A 421 -25.81 6.32 18.18
CA ALA A 421 -26.00 5.78 16.84
C ALA A 421 -25.72 4.29 16.81
N VAL A 422 -24.65 3.84 17.49
CA VAL A 422 -24.35 2.41 17.52
C VAL A 422 -25.50 1.66 18.12
N THR A 423 -26.03 2.14 19.26
CA THR A 423 -27.07 1.39 19.95
C THR A 423 -28.38 1.41 19.17
N ALA A 424 -28.64 2.51 18.45
CA ALA A 424 -29.86 2.61 17.65
C ALA A 424 -29.87 1.60 16.53
N CYS A 425 -28.69 1.31 15.99
CA CYS A 425 -28.51 0.40 14.85
C CYS A 425 -28.36 -1.05 15.27
N PHE A 426 -28.22 -1.31 16.53
CA PHE A 426 -27.77 -2.61 17.01
C PHE A 426 -28.91 -3.54 17.39
N PRO A 427 -28.82 -4.84 17.04
CA PRO A 427 -27.83 -5.42 16.13
C PRO A 427 -28.21 -5.15 14.68
N ALA A 428 -27.27 -5.37 13.77
CA ALA A 428 -27.56 -5.18 12.35
C ALA A 428 -28.81 -5.91 11.90
N GLY A 429 -29.61 -5.23 11.10
CA GLY A 429 -30.74 -5.90 10.46
C GLY A 429 -30.30 -7.10 9.66
N THR A 430 -29.13 -7.00 9.02
CA THR A 430 -28.52 -8.09 8.27
C THR A 430 -28.36 -9.36 9.08
N LEU A 431 -28.25 -9.23 10.40
CA LEU A 431 -28.01 -10.36 11.30
C LEU A 431 -29.20 -10.68 12.18
N SER A 432 -30.35 -10.07 11.93
CA SER A 432 -31.50 -10.24 12.82
C SER A 432 -32.74 -10.49 11.97
N GLY A 433 -33.29 -9.44 11.41
CA GLY A 433 -34.39 -9.56 10.46
C GLY A 433 -35.30 -8.34 10.56
N ALA A 434 -36.52 -8.48 10.02
CA ALA A 434 -37.40 -7.34 9.92
C ALA A 434 -38.81 -7.88 10.08
N PRO A 435 -39.62 -7.34 10.98
CA PRO A 435 -39.25 -6.33 11.97
C PRO A 435 -38.21 -6.88 12.93
N LYS A 436 -37.35 -6.01 13.45
CA LYS A 436 -36.16 -6.48 14.13
C LYS A 436 -36.48 -7.23 15.41
N VAL A 437 -37.38 -6.69 16.26
CA VAL A 437 -37.60 -7.34 17.54
C VAL A 437 -38.25 -8.72 17.36
N ARG A 438 -39.27 -8.81 16.48
CA ARG A 438 -39.88 -10.12 16.27
C ARG A 438 -38.88 -11.12 15.71
N ALA A 439 -38.02 -10.66 14.81
CA ALA A 439 -36.99 -11.54 14.27
C ALA A 439 -36.06 -12.04 15.36
N MET A 440 -35.65 -11.16 16.29
CA MET A 440 -34.79 -11.62 17.39
C MET A 440 -35.50 -12.61 18.30
N GLU A 441 -36.81 -12.40 18.53
CA GLU A 441 -37.56 -13.38 19.31
C GLU A 441 -37.56 -14.73 18.63
N LEU A 442 -37.76 -14.72 17.30
CA LEU A 442 -37.78 -15.97 16.57
C LEU A 442 -36.40 -16.63 16.52
N ILE A 443 -35.34 -15.84 16.41
CA ILE A 443 -33.98 -16.39 16.52
C ILE A 443 -33.81 -17.11 17.85
N GLU A 444 -34.24 -16.48 18.94
CA GLU A 444 -34.11 -17.05 20.27
C GLU A 444 -34.86 -18.37 20.38
N GLU A 445 -35.95 -18.51 19.63
CA GLU A 445 -36.78 -19.71 19.68
C GLU A 445 -36.13 -20.89 18.96
N VAL A 446 -35.32 -20.62 17.92
CA VAL A 446 -34.81 -21.69 17.05
C VAL A 446 -33.34 -22.00 17.26
N GLU A 447 -32.56 -21.11 17.84
CA GLU A 447 -31.12 -21.36 17.95
C GLU A 447 -30.84 -22.13 19.23
N LYS A 448 -29.74 -22.89 19.22
CA LYS A 448 -29.44 -23.74 20.39
C LYS A 448 -28.76 -22.93 21.51
N THR A 449 -27.84 -22.06 21.15
CA THR A 449 -26.95 -21.37 22.07
C THR A 449 -27.07 -19.88 21.89
N ARG A 450 -26.75 -19.12 22.94
CA ARG A 450 -26.61 -17.68 22.76
C ARG A 450 -25.50 -17.40 21.79
N ARG A 451 -25.72 -16.36 20.98
CA ARG A 451 -24.79 -16.02 19.92
C ARG A 451 -23.42 -15.58 20.42
N GLY A 452 -23.35 -14.92 21.58
CA GLY A 452 -22.06 -14.41 22.00
C GLY A 452 -21.66 -13.27 21.10
N LEU A 453 -20.43 -13.33 20.58
CA LEU A 453 -19.98 -12.24 19.72
C LEU A 453 -20.73 -12.20 18.40
N TYR A 454 -21.16 -13.36 17.88
CA TYR A 454 -21.73 -13.43 16.55
C TYR A 454 -22.95 -12.54 16.44
N GLY A 455 -22.95 -11.66 15.45
CA GLY A 455 -24.05 -10.74 15.27
C GLY A 455 -23.92 -9.47 16.09
N GLY A 456 -22.86 -9.34 16.88
CA GLY A 456 -22.52 -8.11 17.54
C GLY A 456 -21.65 -7.24 16.67
N VAL A 457 -20.75 -6.47 17.30
CA VAL A 457 -19.85 -5.58 16.56
C VAL A 457 -18.45 -5.60 17.17
N VAL A 458 -17.48 -5.27 16.32
CA VAL A 458 -16.07 -5.12 16.65
C VAL A 458 -15.62 -3.79 16.06
N GLY A 459 -15.01 -2.94 16.90
CA GLY A 459 -14.61 -1.64 16.40
C GLY A 459 -14.20 -0.71 17.53
N TYR A 460 -14.35 0.57 17.29
CA TYR A 460 -13.87 1.55 18.27
C TYR A 460 -14.79 2.75 18.38
N LEU A 461 -14.69 3.39 19.53
CA LEU A 461 -15.21 4.73 19.83
C LEU A 461 -14.00 5.58 20.20
N ASP A 462 -13.76 6.67 19.49
CA ASP A 462 -12.59 7.44 19.86
C ASP A 462 -13.01 8.51 20.85
N PHE A 463 -12.02 9.19 21.40
CA PHE A 463 -12.27 10.16 22.45
C PHE A 463 -12.84 11.49 21.92
N ALA A 464 -12.86 11.67 20.61
CA ALA A 464 -13.35 12.86 19.94
C ALA A 464 -14.79 12.75 19.46
N GLY A 465 -15.47 11.64 19.76
CA GLY A 465 -16.86 11.46 19.38
C GLY A 465 -17.12 10.69 18.11
N ASN A 466 -16.11 10.10 17.50
CA ASN A 466 -16.26 9.31 16.29
C ASN A 466 -16.36 7.84 16.64
N ALA A 467 -16.77 7.03 15.66
CA ALA A 467 -16.91 5.59 15.89
C ALA A 467 -16.89 4.88 14.55
N ASP A 468 -16.47 3.63 14.58
CA ASP A 468 -16.52 2.79 13.38
C ASP A 468 -16.58 1.36 13.86
N PHE A 469 -17.68 0.68 13.53
CA PHE A 469 -17.94 -0.67 14.02
C PHE A 469 -18.29 -1.56 12.86
N ALA A 470 -17.62 -2.69 12.82
CA ALA A 470 -17.94 -3.76 11.90
C ALA A 470 -18.95 -4.71 12.51
N ILE A 471 -19.83 -5.28 11.68
CA ILE A 471 -20.64 -6.41 12.13
C ILE A 471 -19.73 -7.61 12.37
N ALA A 472 -19.92 -8.30 13.49
CA ALA A 472 -19.10 -9.43 13.88
C ALA A 472 -19.54 -10.69 13.15
N ILE A 473 -19.07 -10.82 11.91
CA ILE A 473 -19.23 -11.99 11.06
C ILE A 473 -17.86 -12.31 10.48
N ARG A 474 -17.76 -13.45 9.80
CA ARG A 474 -16.49 -13.94 9.26
C ARG A 474 -15.38 -13.75 10.31
N THR A 475 -15.68 -14.24 11.52
CA THR A 475 -14.86 -14.01 12.70
C THR A 475 -14.73 -15.30 13.48
N ALA A 476 -13.54 -15.52 14.01
CA ALA A 476 -13.27 -16.63 14.89
C ALA A 476 -13.08 -16.11 16.29
N LEU A 477 -13.57 -16.87 17.25
CA LEU A 477 -13.24 -16.66 18.64
C LEU A 477 -12.39 -17.85 19.05
N MET A 478 -11.15 -17.56 19.42
CA MET A 478 -10.17 -18.59 19.72
C MET A 478 -9.92 -18.60 21.22
N ARG A 479 -10.17 -19.75 21.85
CA ARG A 479 -10.07 -19.86 23.29
C ARG A 479 -9.58 -21.25 23.68
N ASN A 480 -8.43 -21.31 24.37
CA ASN A 480 -7.90 -22.55 24.94
C ASN A 480 -7.90 -23.72 23.95
N GLY A 481 -7.44 -23.48 22.72
CA GLY A 481 -7.27 -24.55 21.75
C GLY A 481 -8.48 -24.90 20.94
N THR A 482 -9.56 -24.16 21.08
CA THR A 482 -10.75 -24.30 20.26
C THR A 482 -11.03 -22.99 19.54
N ALA A 483 -11.42 -23.09 18.28
CA ALA A 483 -11.90 -21.93 17.52
C ALA A 483 -13.38 -22.08 17.22
N TYR A 484 -14.17 -21.07 17.57
CA TYR A 484 -15.58 -21.04 17.25
C TYR A 484 -15.80 -20.09 16.08
N VAL A 485 -16.64 -20.52 15.14
CA VAL A 485 -16.99 -19.72 13.97
C VAL A 485 -18.49 -19.89 13.76
N GLN A 486 -19.24 -18.82 13.88
CA GLN A 486 -20.66 -18.87 13.65
C GLN A 486 -21.00 -18.19 12.32
N ALA A 487 -22.03 -18.69 11.67
CA ALA A 487 -22.47 -18.10 10.40
C ALA A 487 -23.93 -18.45 10.15
N GLY A 488 -24.57 -17.63 9.34
CA GLY A 488 -26.00 -17.70 9.15
C GLY A 488 -26.38 -17.01 7.85
N GLY A 489 -27.68 -16.78 7.67
CA GLY A 489 -28.14 -16.08 6.48
C GLY A 489 -29.63 -15.89 6.53
N GLY A 490 -30.09 -14.88 5.81
CA GLY A 490 -31.48 -14.46 5.90
C GLY A 490 -32.42 -15.45 5.24
N VAL A 491 -33.52 -15.69 5.93
CA VAL A 491 -34.61 -16.54 5.45
C VAL A 491 -35.78 -15.63 5.08
N VAL A 492 -36.35 -15.88 3.90
CA VAL A 492 -37.49 -15.18 3.37
C VAL A 492 -38.51 -16.22 2.93
N ALA A 493 -39.65 -15.75 2.41
CA ALA A 493 -40.76 -16.67 2.18
C ALA A 493 -40.37 -17.80 1.23
N ASP A 494 -39.50 -17.53 0.28
CA ASP A 494 -39.18 -18.58 -0.71
C ASP A 494 -37.88 -19.31 -0.41
N SER A 495 -37.35 -19.20 0.81
CA SER A 495 -36.08 -19.87 1.08
C SER A 495 -36.25 -21.39 1.18
N ASN A 496 -35.20 -22.13 0.85
CA ASN A 496 -35.22 -23.56 1.16
C ASN A 496 -34.04 -23.95 2.03
N GLY A 497 -34.30 -24.93 2.87
CA GLY A 497 -33.42 -25.38 3.90
C GLY A 497 -32.05 -25.78 3.40
N PRO A 498 -32.00 -26.71 2.45
CA PRO A 498 -30.69 -27.17 2.03
C PRO A 498 -29.80 -26.08 1.46
N TYR A 499 -30.39 -25.17 0.66
CA TYR A 499 -29.61 -24.10 0.07
C TYR A 499 -29.08 -23.18 1.16
N GLU A 500 -29.93 -22.84 2.12
CA GLU A 500 -29.51 -21.89 3.15
C GLU A 500 -28.50 -22.54 4.10
N TYR A 501 -28.69 -23.82 4.44
CA TYR A 501 -27.68 -24.52 5.23
C TYR A 501 -26.31 -24.41 4.58
N THR A 502 -26.24 -24.67 3.27
CA THR A 502 -24.94 -24.69 2.61
C THR A 502 -24.36 -23.30 2.43
N GLU A 503 -25.20 -22.32 2.15
CA GLU A 503 -24.68 -20.98 2.00
C GLU A 503 -24.07 -20.48 3.31
N ALA A 504 -24.71 -20.77 4.45
CA ALA A 504 -24.18 -20.36 5.74
C ALA A 504 -22.96 -21.19 6.11
N ALA A 505 -22.98 -22.50 5.81
CA ALA A 505 -21.84 -23.35 6.12
C ALA A 505 -20.61 -22.88 5.35
N ASN A 506 -20.81 -22.41 4.11
CA ASN A 506 -19.69 -21.94 3.29
C ASN A 506 -19.14 -20.63 3.83
N LYS A 507 -20.00 -19.77 4.40
CA LYS A 507 -19.51 -18.58 5.07
C LYS A 507 -18.60 -18.95 6.24
N ALA A 508 -19.01 -19.90 7.06
CA ALA A 508 -18.20 -20.35 8.17
C ALA A 508 -16.90 -20.96 7.67
N ARG A 509 -16.98 -21.72 6.59
CA ARG A 509 -15.81 -22.39 6.02
C ARG A 509 -14.73 -21.40 5.58
N ALA A 510 -15.12 -20.19 5.15
CA ALA A 510 -14.10 -19.20 4.85
C ALA A 510 -13.15 -19.01 6.04
N VAL A 511 -13.68 -19.01 7.27
CA VAL A 511 -12.81 -18.80 8.42
C VAL A 511 -12.20 -20.13 8.88
N LEU A 512 -12.98 -21.20 8.85
CA LEU A 512 -12.47 -22.50 9.25
C LEU A 512 -11.31 -22.91 8.33
N ASN A 513 -11.46 -22.61 7.04
CA ASN A 513 -10.41 -22.88 6.06
C ASN A 513 -9.14 -22.12 6.40
N ALA A 514 -9.29 -20.84 6.78
CA ALA A 514 -8.13 -20.03 7.16
C ALA A 514 -7.44 -20.60 8.38
N ILE A 515 -8.22 -21.05 9.36
CA ILE A 515 -7.64 -21.67 10.56
C ILE A 515 -6.83 -22.91 10.20
N ALA A 516 -7.40 -23.80 9.36
CA ALA A 516 -6.71 -25.03 8.97
C ALA A 516 -5.44 -24.73 8.17
N ALA A 517 -5.50 -23.74 7.29
CA ALA A 517 -4.33 -23.31 6.54
C ALA A 517 -3.26 -22.74 7.47
N ALA A 518 -3.67 -21.98 8.47
CA ALA A 518 -2.67 -21.36 9.33
C ALA A 518 -1.82 -22.40 10.05
N ALA A 519 -2.41 -23.55 10.36
CA ALA A 519 -1.65 -24.60 11.01
C ALA A 519 -0.54 -25.15 10.13
N THR A 520 -0.60 -24.87 8.84
CA THR A 520 0.41 -25.41 7.91
C THR A 520 1.54 -24.45 7.61
N LEU A 521 1.46 -23.21 8.07
CA LEU A 521 2.49 -22.22 7.80
C LEU A 521 3.86 -22.78 8.15
N ALA A 522 4.80 -22.62 7.22
CA ALA A 522 6.15 -23.14 7.39
C ALA A 522 7.10 -22.34 6.51
N GLU A 523 8.39 -22.46 6.82
CA GLU A 523 9.40 -21.89 5.94
C GLU A 523 9.29 -22.53 4.56
N PRO A 524 9.40 -21.74 3.48
CA PRO A 524 9.37 -22.42 2.17
C PRO A 524 10.58 -23.32 1.91
N GLY B 20 -3.64 -27.84 -0.18
CA GLY B 20 -3.39 -28.91 -1.13
C GLY B 20 -2.09 -28.65 -1.83
N ALA B 21 -2.17 -27.92 -2.95
CA ALA B 21 -0.99 -27.27 -3.49
C ALA B 21 -0.54 -26.20 -2.51
N ALA B 22 0.75 -26.20 -2.24
CA ALA B 22 1.35 -25.22 -1.35
C ALA B 22 1.44 -23.87 -2.06
N LEU B 23 1.39 -22.80 -1.26
CA LEU B 23 1.55 -21.47 -1.82
C LEU B 23 2.83 -21.37 -2.66
N ALA B 24 3.94 -21.91 -2.14
CA ALA B 24 5.26 -21.76 -2.71
C ALA B 24 5.64 -22.88 -3.66
N GLU B 25 4.65 -23.57 -4.17
CA GLU B 25 4.93 -24.56 -5.22
C GLU B 25 5.73 -23.92 -6.35
N THR B 26 6.83 -24.56 -6.73
CA THR B 26 7.71 -24.04 -7.75
C THR B 26 7.28 -24.58 -9.11
N THR B 27 7.39 -23.77 -10.16
CA THR B 27 7.20 -24.23 -11.53
C THR B 27 7.82 -25.61 -11.69
N SER B 28 7.05 -26.53 -12.27
CA SER B 28 7.49 -27.92 -12.37
C SER B 28 8.48 -28.12 -13.52
N ARG B 29 9.35 -29.11 -13.35
CA ARG B 29 10.27 -29.48 -14.42
C ARG B 29 9.52 -29.74 -15.73
N GLU B 30 8.34 -30.34 -15.62
CA GLU B 30 7.54 -30.72 -16.78
C GLU B 30 6.97 -29.50 -17.47
N ASP B 31 6.43 -28.57 -16.68
CA ASP B 31 5.95 -27.32 -17.25
C ASP B 31 7.09 -26.50 -17.83
N PHE B 32 8.26 -26.53 -17.19
CA PHE B 32 9.41 -25.80 -17.70
C PHE B 32 9.85 -26.39 -19.05
N ARG B 33 9.95 -27.71 -19.11
CA ARG B 33 10.30 -28.39 -20.36
C ARG B 33 9.43 -27.92 -21.51
N ALA B 34 8.11 -27.93 -21.30
CA ALA B 34 7.18 -27.59 -22.36
C ALA B 34 7.34 -26.15 -22.81
N LEU B 35 7.58 -25.23 -21.86
CA LEU B 35 7.78 -23.84 -22.25
C LEU B 35 9.07 -23.65 -23.03
N ALA B 36 10.12 -24.36 -22.62
CA ALA B 36 11.44 -24.17 -23.19
C ALA B 36 11.49 -24.63 -24.64
N THR B 37 10.55 -25.46 -25.09
CA THR B 37 10.53 -25.82 -26.50
C THR B 37 10.06 -24.65 -27.35
N GLU B 38 9.42 -23.65 -26.74
CA GLU B 38 8.81 -22.57 -27.48
C GLU B 38 9.37 -21.19 -27.13
N HIS B 39 9.99 -21.01 -25.97
CA HIS B 39 10.31 -19.68 -25.48
C HIS B 39 11.79 -19.53 -25.14
N ARG B 40 12.34 -18.38 -25.52
CA ARG B 40 13.76 -18.11 -25.30
C ARG B 40 14.06 -17.89 -23.83
N VAL B 41 13.16 -17.20 -23.14
CA VAL B 41 13.35 -16.82 -21.75
C VAL B 41 12.18 -17.44 -21.00
N VAL B 42 12.48 -18.41 -20.15
CA VAL B 42 11.45 -19.17 -19.44
C VAL B 42 11.59 -18.87 -17.94
N PRO B 43 10.56 -18.32 -17.31
CA PRO B 43 10.62 -18.08 -15.86
C PRO B 43 10.28 -19.34 -15.06
N VAL B 44 11.09 -19.60 -14.04
CA VAL B 44 10.79 -20.56 -12.99
C VAL B 44 10.42 -19.71 -11.78
N ILE B 45 9.22 -19.91 -11.25
CA ILE B 45 8.71 -18.96 -10.25
C ILE B 45 8.26 -19.67 -8.98
N ARG B 46 8.22 -18.89 -7.91
CA ARG B 46 7.88 -19.39 -6.59
C ARG B 46 7.31 -18.19 -5.85
N LYS B 47 6.09 -18.33 -5.36
CA LYS B 47 5.46 -17.27 -4.56
C LYS B 47 5.51 -17.60 -3.08
N VAL B 48 5.86 -16.59 -2.26
CA VAL B 48 5.94 -16.79 -0.83
C VAL B 48 5.14 -15.70 -0.12
N LEU B 49 4.67 -16.03 1.07
CA LEU B 49 4.00 -15.06 1.94
C LEU B 49 5.07 -14.25 2.64
N ALA B 50 5.05 -12.93 2.43
CA ALA B 50 6.08 -12.03 2.94
C ALA B 50 5.42 -10.78 3.50
N ASP B 51 4.45 -11.01 4.38
CA ASP B 51 3.59 -9.96 4.93
C ASP B 51 4.26 -9.18 6.04
N SER B 52 5.45 -9.60 6.50
CA SER B 52 6.28 -8.79 7.39
C SER B 52 7.49 -8.20 6.66
N GLU B 53 7.49 -8.20 5.33
CA GLU B 53 8.54 -7.54 4.55
C GLU B 53 7.94 -6.37 3.78
N THR B 54 8.75 -5.35 3.61
CA THR B 54 8.49 -4.27 2.67
C THR B 54 9.40 -4.43 1.46
N PRO B 55 9.23 -3.61 0.43
CA PRO B 55 10.21 -3.67 -0.67
C PRO B 55 11.63 -3.39 -0.20
N LEU B 56 11.79 -2.48 0.74
CA LEU B 56 13.13 -2.15 1.25
C LEU B 56 13.70 -3.28 2.10
N SER B 57 12.90 -3.91 2.96
CA SER B 57 13.46 -5.01 3.76
C SER B 57 13.80 -6.20 2.86
N ALA B 58 12.94 -6.47 1.89
CA ALA B 58 13.22 -7.52 0.91
C ALA B 58 14.47 -7.21 0.11
N TYR B 59 14.64 -5.95 -0.29
CA TYR B 59 15.87 -5.56 -0.97
C TYR B 59 17.10 -5.83 -0.08
N ARG B 60 17.02 -5.41 1.18
CA ARG B 60 18.12 -5.62 2.11
C ARG B 60 18.50 -7.11 2.23
N LYS B 61 17.50 -8.00 2.24
CA LYS B 61 17.77 -9.43 2.36
C LYS B 61 18.24 -10.04 1.04
N LEU B 62 17.59 -9.67 -0.06
CA LEU B 62 17.83 -10.37 -1.34
C LEU B 62 19.03 -9.81 -2.08
N ALA B 63 19.22 -8.50 -2.02
CA ALA B 63 20.26 -7.83 -2.76
C ALA B 63 21.41 -7.41 -1.89
N ALA B 64 21.14 -7.12 -0.61
CA ALA B 64 22.19 -6.75 0.34
C ALA B 64 23.07 -5.62 -0.21
N ASN B 65 22.48 -4.73 -1.00
CA ASN B 65 23.19 -3.59 -1.54
C ASN B 65 24.42 -4.00 -2.36
N ARG B 66 24.41 -5.21 -2.97
CA ARG B 66 25.56 -5.69 -3.74
C ARG B 66 25.59 -5.05 -5.11
N PRO B 67 26.77 -5.03 -5.76
CA PRO B 67 26.84 -4.63 -7.16
C PRO B 67 25.97 -5.53 -8.03
N GLY B 68 25.37 -4.92 -9.05
CA GLY B 68 24.53 -5.61 -10.00
C GLY B 68 23.12 -5.81 -9.52
N THR B 69 22.71 -5.07 -8.50
CA THR B 69 21.35 -5.17 -7.96
C THR B 69 20.60 -3.86 -8.16
N PHE B 70 19.28 -3.95 -7.96
CA PHE B 70 18.41 -2.80 -8.23
C PHE B 70 17.12 -2.91 -7.43
N LEU B 71 16.52 -1.75 -7.20
CA LEU B 71 15.19 -1.60 -6.60
C LEU B 71 14.45 -0.54 -7.41
N LEU B 72 13.23 -0.88 -7.87
CA LEU B 72 12.38 0.02 -8.65
C LEU B 72 11.04 0.08 -7.92
N GLU B 73 10.57 1.28 -7.62
CA GLU B 73 9.27 1.46 -6.97
C GLU B 73 8.53 2.59 -7.68
N SER B 74 7.20 2.65 -7.49
CA SER B 74 6.41 3.64 -8.20
C SER B 74 5.26 4.14 -7.34
N ALA B 75 5.25 5.45 -7.05
CA ALA B 75 4.05 6.07 -6.48
C ALA B 75 3.02 6.33 -7.57
N GLU B 76 1.76 6.05 -7.28
CA GLU B 76 0.69 6.18 -8.27
C GLU B 76 -0.20 7.41 -8.06
N GLY B 78 -3.22 8.48 -8.49
CA GLY B 78 -2.59 9.16 -7.38
C GLY B 78 -2.82 8.48 -6.05
N ARG B 79 -2.81 7.16 -6.05
CA ARG B 79 -3.20 6.34 -4.89
C ARG B 79 -1.99 5.71 -4.19
N SER B 80 -1.00 6.50 -3.81
CA SER B 80 0.15 5.98 -3.05
C SER B 80 0.97 4.99 -3.88
N TRP B 81 1.53 3.95 -3.25
CA TRP B 81 2.44 3.05 -3.96
C TRP B 81 1.66 2.07 -4.82
N SER B 82 2.18 1.85 -6.03
CA SER B 82 1.61 0.88 -6.92
C SER B 82 1.67 -0.51 -6.31
N ARG B 83 0.94 -1.42 -6.93
CA ARG B 83 0.84 -2.78 -6.42
C ARG B 83 2.21 -3.45 -6.33
N TRP B 84 3.03 -3.28 -7.34
CA TRP B 84 4.27 -4.06 -7.46
C TRP B 84 5.50 -3.19 -7.28
N SER B 85 6.49 -3.73 -6.57
CA SER B 85 7.86 -3.22 -6.58
C SER B 85 8.77 -4.33 -7.11
N PHE B 86 9.92 -3.94 -7.67
CA PHE B 86 10.81 -4.89 -8.34
C PHE B 86 12.23 -4.81 -7.79
N ILE B 87 12.73 -5.95 -7.33
CA ILE B 87 14.10 -6.11 -6.87
C ILE B 87 14.87 -6.97 -7.86
N GLY B 88 15.99 -6.45 -8.33
CA GLY B 88 16.96 -7.22 -9.10
C GLY B 88 17.95 -7.82 -8.12
N ALA B 89 17.90 -9.14 -7.93
CA ALA B 89 18.61 -9.71 -6.79
C ALA B 89 20.10 -9.86 -7.03
N GLY B 90 20.54 -9.88 -8.27
CA GLY B 90 21.97 -9.75 -8.51
C GLY B 90 22.24 -10.28 -9.89
N ALA B 91 22.69 -9.42 -10.81
CA ALA B 91 22.89 -9.83 -12.18
C ALA B 91 24.34 -10.20 -12.39
N PRO B 92 24.66 -11.46 -12.71
CA PRO B 92 26.04 -11.79 -13.08
C PRO B 92 26.51 -11.07 -14.34
N SER B 93 25.61 -10.60 -15.20
CA SER B 93 26.00 -10.04 -16.48
C SER B 93 25.38 -8.67 -16.68
N ALA B 94 26.16 -7.77 -17.24
CA ALA B 94 25.65 -6.48 -17.65
C ALA B 94 26.23 -6.07 -18.98
N LEU B 95 25.39 -5.48 -19.82
CA LEU B 95 25.77 -5.06 -21.16
C LEU B 95 26.08 -3.57 -21.14
N THR B 96 27.32 -3.22 -21.49
CA THR B 96 27.70 -1.82 -21.45
C THR B 96 28.63 -1.50 -22.63
N VAL B 97 29.40 -0.42 -22.49
CA VAL B 97 30.32 0.06 -23.50
C VAL B 97 31.71 0.11 -22.90
N ARG B 98 32.67 -0.48 -23.61
CA ARG B 98 34.06 -0.50 -23.17
C ARG B 98 34.88 -0.26 -24.43
N ASP B 99 35.81 0.69 -24.38
CA ASP B 99 36.66 1.02 -25.53
C ASP B 99 35.84 1.21 -26.81
N ASN B 100 34.72 1.90 -26.67
CA ASN B 100 33.81 2.28 -27.75
C ASN B 100 33.07 1.10 -28.37
N ALA B 101 33.06 -0.06 -27.73
CA ALA B 101 32.34 -1.21 -28.25
C ALA B 101 31.45 -1.84 -27.19
N ALA B 102 30.35 -2.45 -27.64
CA ALA B 102 29.54 -3.28 -26.76
C ALA B 102 30.38 -4.32 -26.07
N ALA B 103 30.17 -4.45 -24.77
CA ALA B 103 30.92 -5.40 -23.96
C ALA B 103 30.08 -5.84 -22.78
N TRP B 104 30.34 -7.06 -22.31
CA TRP B 104 29.65 -7.59 -21.14
C TRP B 104 30.57 -7.50 -19.92
N LEU B 105 30.05 -6.95 -18.83
CA LEU B 105 30.70 -7.05 -17.53
C LEU B 105 30.23 -8.28 -16.75
N GLY B 106 31.16 -8.88 -16.04
CA GLY B 106 30.85 -10.09 -15.30
C GLY B 106 30.97 -11.25 -16.24
N THR B 107 29.93 -12.05 -16.33
CA THR B 107 29.93 -13.18 -17.25
C THR B 107 29.47 -12.68 -18.61
N ALA B 108 30.26 -12.99 -19.65
CA ALA B 108 29.81 -12.75 -21.01
C ALA B 108 29.07 -14.00 -21.44
N PRO B 109 27.74 -13.96 -21.60
CA PRO B 109 27.01 -15.19 -21.86
C PRO B 109 27.42 -15.78 -23.21
N GLU B 110 27.60 -17.08 -23.25
CA GLU B 110 28.03 -17.72 -24.48
C GLU B 110 26.97 -17.53 -25.55
N GLY B 111 27.38 -16.99 -26.70
CA GLY B 111 26.45 -16.74 -27.78
C GLY B 111 25.75 -15.41 -27.72
N ALA B 112 25.94 -14.62 -26.64
CA ALA B 112 25.23 -13.36 -26.65
C ALA B 112 25.96 -12.35 -27.51
N PRO B 113 25.21 -11.43 -28.14
CA PRO B 113 25.87 -10.39 -28.93
C PRO B 113 26.86 -9.58 -28.12
N SER B 114 28.01 -9.30 -28.74
CA SER B 114 29.07 -8.50 -28.15
C SER B 114 29.85 -7.81 -29.26
N GLY B 115 30.63 -6.82 -28.86
CA GLY B 115 31.42 -6.02 -29.77
C GLY B 115 30.64 -5.13 -30.70
N GLY B 116 31.35 -4.32 -31.48
CA GLY B 116 30.70 -3.40 -32.39
C GLY B 116 29.92 -2.32 -31.67
N ASP B 117 28.96 -1.76 -32.40
CA ASP B 117 28.18 -0.64 -31.91
C ASP B 117 27.27 -1.09 -30.75
N PRO B 118 27.21 -0.35 -29.64
CA PRO B 118 26.42 -0.82 -28.50
C PRO B 118 24.92 -0.88 -28.75
N LEU B 119 24.36 0.06 -29.51
CA LEU B 119 22.93 -0.02 -29.78
C LEU B 119 22.61 -1.20 -30.68
N ASP B 120 23.52 -1.55 -31.59
CA ASP B 120 23.26 -2.71 -32.41
C ASP B 120 23.32 -3.99 -31.60
N ALA B 121 24.28 -4.06 -30.67
CA ALA B 121 24.40 -5.24 -29.81
C ALA B 121 23.19 -5.37 -28.90
N LEU B 122 22.68 -4.24 -28.39
CA LEU B 122 21.47 -4.26 -27.60
C LEU B 122 20.28 -4.72 -28.41
N ARG B 123 20.08 -4.12 -29.59
CA ARG B 123 19.03 -4.55 -30.48
C ARG B 123 19.09 -6.04 -30.75
N ALA B 124 20.30 -6.54 -31.02
CA ALA B 124 20.46 -7.95 -31.33
C ALA B 124 20.13 -8.81 -30.12
N THR B 125 20.52 -8.36 -28.94
CA THR B 125 20.20 -9.08 -27.71
C THR B 125 18.69 -9.17 -27.52
N LEU B 126 17.99 -8.05 -27.67
CA LEU B 126 16.54 -8.03 -27.48
C LEU B 126 15.85 -8.89 -28.54
N ASP B 127 16.34 -8.89 -29.78
CA ASP B 127 15.76 -9.74 -30.81
C ASP B 127 15.94 -11.20 -30.45
N LEU B 128 17.14 -11.56 -30.01
CA LEU B 128 17.46 -12.95 -29.69
C LEU B 128 16.57 -13.47 -28.57
N LEU B 129 16.34 -12.67 -27.54
CA LEU B 129 15.62 -13.12 -26.35
C LEU B 129 14.13 -12.83 -26.40
N LYS B 130 13.64 -12.24 -27.49
CA LYS B 130 12.24 -11.90 -27.60
C LYS B 130 11.36 -13.10 -27.29
N THR B 131 10.47 -12.94 -26.31
CA THR B 131 9.65 -14.02 -25.82
C THR B 131 8.22 -13.51 -25.69
N GLU B 132 7.28 -14.35 -26.13
CA GLU B 132 5.87 -14.04 -26.05
C GLU B 132 5.48 -13.73 -24.61
N ALA B 133 4.61 -12.74 -24.44
CA ALA B 133 4.02 -12.48 -23.13
C ALA B 133 3.36 -13.74 -22.60
N MET B 134 3.61 -14.03 -21.34
CA MET B 134 3.07 -15.20 -20.68
C MET B 134 2.12 -14.77 -19.58
N ALA B 135 1.01 -15.49 -19.45
CA ALA B 135 0.03 -15.14 -18.44
C ALA B 135 0.49 -15.55 -17.05
N GLY B 136 -0.01 -14.83 -16.05
CA GLY B 136 0.21 -15.21 -14.68
C GLY B 136 1.52 -14.73 -14.10
N LEU B 137 2.18 -13.77 -14.75
CA LEU B 137 3.44 -13.27 -14.24
C LEU B 137 3.26 -11.85 -13.73
N PRO B 138 4.17 -11.38 -12.88
CA PRO B 138 4.15 -9.97 -12.50
C PRO B 138 4.51 -9.10 -13.69
N PRO B 139 4.28 -7.80 -13.60
CA PRO B 139 4.41 -6.95 -14.80
C PRO B 139 5.79 -6.98 -15.42
N LEU B 140 6.84 -7.10 -14.61
CA LEU B 140 8.21 -7.24 -15.08
C LEU B 140 8.75 -8.56 -14.56
N SER B 141 9.10 -9.48 -15.46
CA SER B 141 9.55 -10.79 -15.02
C SER B 141 10.95 -11.14 -15.49
N SER B 142 11.50 -10.39 -16.44
CA SER B 142 12.87 -10.53 -16.92
C SER B 142 13.13 -9.33 -17.78
N GLY B 143 14.39 -8.92 -17.88
CA GLY B 143 14.69 -7.83 -18.78
C GLY B 143 16.08 -7.30 -18.59
N LEU B 144 16.31 -6.17 -19.25
CA LEU B 144 17.53 -5.40 -19.17
C LEU B 144 17.20 -4.13 -18.39
N VAL B 145 17.87 -3.94 -17.26
CA VAL B 145 17.53 -2.86 -16.31
C VAL B 145 18.76 -1.97 -16.15
N GLY B 146 18.61 -0.69 -16.46
CA GLY B 146 19.70 0.25 -16.24
C GLY B 146 19.47 1.61 -16.86
N PHE B 147 20.49 2.16 -17.51
CA PHE B 147 20.41 3.53 -18.01
C PHE B 147 21.01 3.71 -19.39
N PHE B 148 20.51 4.74 -20.09
CA PHE B 148 21.20 5.36 -21.21
C PHE B 148 21.66 6.75 -20.77
N ALA B 149 22.95 7.00 -20.89
CA ALA B 149 23.47 8.34 -20.63
C ALA B 149 22.94 9.31 -21.68
N TYR B 150 22.77 10.56 -21.28
CA TYR B 150 22.38 11.60 -22.23
C TYR B 150 23.21 11.50 -23.50
N ASP B 151 24.49 11.22 -23.34
CA ASP B 151 25.44 11.28 -24.43
C ASP B 151 25.24 10.14 -25.43
N MET B 152 24.39 9.16 -25.12
CA MET B 152 24.03 8.20 -26.16
C MET B 152 23.44 8.92 -27.38
N VAL B 153 22.87 10.11 -27.18
CA VAL B 153 22.28 10.84 -28.30
C VAL B 153 23.33 11.14 -29.36
N ARG B 154 24.61 11.12 -28.98
CA ARG B 154 25.68 11.42 -29.92
C ARG B 154 25.75 10.38 -31.02
N ARG B 155 25.12 9.24 -30.81
CA ARG B 155 25.03 8.19 -31.81
C ARG B 155 23.77 8.29 -32.65
N LEU B 156 22.80 9.07 -32.22
CA LEU B 156 21.58 9.31 -32.99
C LEU B 156 21.61 10.62 -33.77
N GLU B 157 22.45 11.57 -33.37
CA GLU B 157 22.54 12.89 -34.00
C GLU B 157 23.98 13.35 -33.94
N ARG B 158 24.41 14.06 -34.98
CA ARG B 158 25.75 14.66 -34.96
C ARG B 158 25.71 15.90 -34.08
N LEU B 159 26.64 15.95 -33.11
CA LEU B 159 26.68 17.07 -32.18
C LEU B 159 28.13 17.45 -31.94
N PRO B 160 28.40 18.73 -31.67
CA PRO B 160 29.77 19.15 -31.38
C PRO B 160 30.35 18.40 -30.19
N GLU B 161 31.67 18.50 -30.06
CA GLU B 161 32.41 17.90 -28.94
C GLU B 161 33.25 18.98 -28.28
N LEU B 162 32.59 19.79 -27.45
CA LEU B 162 33.23 20.89 -26.73
C LEU B 162 33.29 20.64 -25.23
N ALA B 163 32.16 20.25 -24.64
CA ALA B 163 32.13 20.00 -23.21
C ALA B 163 33.09 18.88 -22.85
N VAL B 164 33.70 19.00 -21.67
CA VAL B 164 34.66 18.01 -21.19
C VAL B 164 33.92 16.81 -20.60
N ASP B 165 34.41 15.62 -20.90
CA ASP B 165 33.83 14.39 -20.35
C ASP B 165 34.63 14.03 -19.11
N ASP B 166 34.28 14.60 -17.96
CA ASP B 166 35.07 14.33 -16.78
C ASP B 166 34.51 13.22 -15.92
N LEU B 167 33.28 12.77 -16.17
CA LEU B 167 32.68 11.69 -15.39
C LEU B 167 33.01 10.32 -15.96
N GLY B 168 33.24 10.22 -17.26
CA GLY B 168 33.67 8.94 -17.82
C GLY B 168 32.63 7.86 -17.78
N LEU B 169 31.33 8.22 -17.86
CA LEU B 169 30.29 7.21 -17.84
C LEU B 169 30.12 6.55 -19.20
N PRO B 170 29.70 5.29 -19.22
CA PRO B 170 29.37 4.62 -20.48
C PRO B 170 28.03 5.12 -21.04
N ASP B 171 27.89 5.01 -22.36
CA ASP B 171 26.67 5.47 -22.99
C ASP B 171 25.46 4.69 -22.52
N MET B 172 25.69 3.45 -22.05
CA MET B 172 24.62 2.58 -21.58
C MET B 172 25.24 1.59 -20.61
N LEU B 173 24.41 1.14 -19.67
CA LEU B 173 24.75 -0.02 -18.86
C LEU B 173 23.41 -0.64 -18.47
N LEU B 174 23.21 -1.89 -18.88
CA LEU B 174 21.97 -2.62 -18.64
C LEU B 174 22.28 -3.93 -17.94
N LEU B 175 21.78 -4.07 -16.72
CA LEU B 175 21.87 -5.32 -15.97
C LEU B 175 20.94 -6.36 -16.62
N LEU B 176 21.45 -7.57 -16.83
CA LEU B 176 20.63 -8.68 -17.32
C LEU B 176 19.94 -9.29 -16.13
N ALA B 177 18.74 -8.78 -15.86
CA ALA B 177 17.98 -9.09 -14.66
C ALA B 177 17.23 -10.41 -14.87
N THR B 178 17.90 -11.51 -14.55
CA THR B 178 17.34 -12.85 -14.67
C THR B 178 16.79 -13.40 -13.37
N ASP B 179 17.23 -12.83 -12.22
CA ASP B 179 16.74 -13.18 -10.88
C ASP B 179 16.03 -11.94 -10.36
N ILE B 180 14.70 -12.02 -10.23
CA ILE B 180 13.88 -10.89 -9.85
C ILE B 180 12.98 -11.30 -8.71
N ALA B 181 12.79 -10.40 -7.75
CA ALA B 181 11.73 -10.56 -6.77
C ALA B 181 10.71 -9.46 -7.03
N ALA B 182 9.46 -9.86 -7.19
CA ALA B 182 8.35 -8.95 -7.43
C ALA B 182 7.50 -8.92 -6.17
N VAL B 183 7.46 -7.75 -5.53
CA VAL B 183 6.82 -7.56 -4.24
C VAL B 183 5.42 -7.02 -4.48
N ASP B 184 4.40 -7.75 -4.02
CA ASP B 184 3.00 -7.39 -4.24
C ASP B 184 2.47 -6.77 -2.95
N HIS B 185 2.39 -5.44 -2.91
CA HIS B 185 2.00 -4.78 -1.65
C HIS B 185 0.62 -5.19 -1.19
N HIS B 186 -0.32 -5.33 -2.12
CA HIS B 186 -1.69 -5.66 -1.76
C HIS B 186 -1.77 -7.00 -1.05
N GLU B 187 -1.21 -8.06 -1.66
CA GLU B 187 -1.28 -9.40 -1.12
C GLU B 187 -0.37 -9.65 0.07
N GLY B 188 0.70 -8.87 0.20
CA GLY B 188 1.73 -9.23 1.16
C GLY B 188 2.57 -10.42 0.74
N THR B 189 2.75 -10.62 -0.55
CA THR B 189 3.52 -11.74 -1.08
C THR B 189 4.66 -11.23 -1.92
N ILE B 190 5.62 -12.12 -2.15
CA ILE B 190 6.71 -11.92 -3.08
C ILE B 190 6.72 -13.07 -4.08
N THR B 191 6.79 -12.74 -5.34
CA THR B 191 7.00 -13.73 -6.39
C THR B 191 8.45 -13.67 -6.81
N LEU B 192 9.16 -14.75 -6.52
CA LEU B 192 10.54 -14.92 -6.92
C LEU B 192 10.60 -15.56 -8.30
N ILE B 193 11.43 -15.01 -9.17
CA ILE B 193 11.54 -15.44 -10.56
C ILE B 193 13.02 -15.66 -10.87
N ALA B 194 13.33 -16.83 -11.42
CA ALA B 194 14.67 -17.13 -11.89
C ALA B 194 14.49 -17.63 -13.32
N ASN B 195 14.92 -16.82 -14.29
CA ASN B 195 14.72 -17.10 -15.70
C ASN B 195 15.85 -17.93 -16.26
N ALA B 196 15.48 -18.90 -17.06
CA ALA B 196 16.41 -19.61 -17.93
C ALA B 196 16.48 -18.84 -19.24
N VAL B 197 17.69 -18.60 -19.73
CA VAL B 197 17.90 -17.80 -20.93
C VAL B 197 18.58 -18.68 -21.96
N ASN B 198 17.91 -18.90 -23.06
CA ASN B 198 18.39 -19.80 -24.12
C ASN B 198 19.03 -18.95 -25.20
N TRP B 199 20.34 -18.75 -25.09
CA TRP B 199 20.99 -17.82 -26.01
C TRP B 199 21.16 -18.41 -27.39
N ASN B 200 21.40 -19.72 -27.46
CA ASN B 200 21.74 -20.35 -28.74
C ASN B 200 20.57 -21.11 -29.34
N GLY B 201 19.42 -21.12 -28.67
CA GLY B 201 18.24 -21.74 -29.24
C GLY B 201 18.28 -23.25 -29.32
N THR B 202 19.14 -23.90 -28.54
CA THR B 202 19.19 -25.35 -28.59
C THR B 202 18.22 -25.96 -27.58
N ASP B 203 18.07 -27.27 -27.69
CA ASP B 203 17.27 -28.10 -26.80
C ASP B 203 18.15 -28.96 -25.92
N GLU B 204 19.45 -28.68 -25.87
CA GLU B 204 20.43 -29.63 -25.36
C GLU B 204 20.44 -29.75 -23.83
N ARG B 205 20.21 -28.67 -23.10
CA ARG B 205 20.48 -28.69 -21.66
C ARG B 205 19.30 -28.15 -20.87
N VAL B 206 18.10 -28.66 -21.18
CA VAL B 206 16.87 -28.19 -20.56
C VAL B 206 16.88 -28.49 -19.07
N ASP B 207 17.27 -29.72 -18.71
CA ASP B 207 17.24 -30.10 -17.30
C ASP B 207 18.29 -29.33 -16.51
N TRP B 208 19.47 -29.13 -17.09
CA TRP B 208 20.48 -28.32 -16.43
C TRP B 208 19.95 -26.91 -16.17
N ALA B 209 19.25 -26.35 -17.15
CA ALA B 209 18.76 -24.99 -17.01
C ALA B 209 17.68 -24.92 -15.95
N TYR B 210 16.83 -25.93 -15.87
CA TYR B 210 15.81 -25.97 -14.81
C TYR B 210 16.46 -26.02 -13.43
N ASP B 211 17.36 -26.98 -13.25
CA ASP B 211 18.06 -27.09 -11.97
C ASP B 211 18.80 -25.81 -11.64
N ASP B 212 19.35 -25.13 -12.66
CA ASP B 212 20.06 -23.88 -12.43
C ASP B 212 19.11 -22.82 -11.90
N ALA B 213 17.96 -22.66 -12.54
CA ALA B 213 16.98 -21.67 -12.09
C ALA B 213 16.45 -22.02 -10.70
N VAL B 214 16.16 -23.30 -10.46
CA VAL B 214 15.66 -23.69 -9.13
C VAL B 214 16.70 -23.38 -8.06
N ALA B 215 17.98 -23.63 -8.35
CA ALA B 215 19.01 -23.29 -7.38
C ALA B 215 19.02 -21.80 -7.08
N ARG B 216 18.74 -20.97 -8.08
CA ARG B 216 18.74 -19.53 -7.87
C ARG B 216 17.53 -19.11 -7.06
N LEU B 217 16.37 -19.73 -7.31
CA LEU B 217 15.22 -19.49 -6.42
C LEU B 217 15.55 -19.86 -4.99
N ASP B 218 16.26 -20.97 -4.80
CA ASP B 218 16.60 -21.41 -3.46
C ASP B 218 17.52 -20.40 -2.77
N VAL B 219 18.46 -19.80 -3.53
CA VAL B 219 19.32 -18.78 -2.94
C VAL B 219 18.47 -17.61 -2.43
N MET B 220 17.56 -17.13 -3.28
CA MET B 220 16.71 -16.00 -2.90
C MET B 220 15.78 -16.37 -1.76
N THR B 221 15.27 -17.61 -1.75
CA THR B 221 14.38 -18.07 -0.68
C THR B 221 15.13 -18.12 0.64
N LYS B 222 16.34 -18.65 0.62
CA LYS B 222 17.16 -18.67 1.82
C LYS B 222 17.46 -17.27 2.30
N ALA B 223 17.66 -16.32 1.37
CA ALA B 223 17.98 -14.97 1.77
C ALA B 223 16.80 -14.36 2.51
N LEU B 224 15.59 -14.66 2.05
CA LEU B 224 14.39 -14.10 2.70
C LEU B 224 14.15 -14.71 4.07
N GLY B 225 14.68 -15.90 4.32
CA GLY B 225 14.58 -16.59 5.59
C GLY B 225 15.46 -16.04 6.71
N GLN B 226 16.36 -15.14 6.41
CA GLN B 226 17.28 -14.61 7.40
C GLN B 226 16.55 -13.65 8.29
N PRO B 227 17.01 -13.49 9.52
CA PRO B 227 16.49 -12.42 10.37
C PRO B 227 17.00 -11.07 9.89
N LEU B 228 16.46 -9.98 10.43
CA LEU B 228 16.89 -8.66 10.00
C LEU B 228 16.91 -7.72 11.19
N THR B 229 18.02 -6.99 11.31
CA THR B 229 18.11 -5.98 12.35
C THR B 229 17.22 -4.78 12.00
N SER B 230 16.81 -4.07 13.05
CA SER B 230 15.94 -2.93 12.83
C SER B 230 16.62 -1.81 12.06
N ALA B 231 15.82 -1.15 11.23
CA ALA B 231 16.21 0.09 10.57
C ALA B 231 15.29 1.25 10.96
N VAL B 232 14.56 1.09 12.07
CA VAL B 232 13.70 2.17 12.55
C VAL B 232 14.59 3.33 12.97
N ALA B 233 14.29 4.51 12.42
CA ALA B 233 15.25 5.61 12.42
C ALA B 233 14.60 6.97 12.64
N THR B 234 15.44 7.92 13.02
CA THR B 234 15.14 9.32 12.93
C THR B 234 16.18 9.95 12.03
N PHE B 235 15.84 11.11 11.47
CA PHE B 235 16.82 11.90 10.72
C PHE B 235 16.45 13.37 10.87
N SER B 236 17.42 14.25 10.66
CA SER B 236 17.16 15.67 10.57
C SER B 236 17.46 16.16 9.15
N ARG B 237 17.27 17.46 8.93
CA ARG B 237 17.36 18.03 7.59
C ARG B 237 18.35 19.21 7.56
N PRO B 238 19.63 18.92 7.75
CA PRO B 238 20.64 19.99 7.71
C PRO B 238 20.84 20.53 6.31
N ALA B 239 21.51 21.68 6.23
CA ALA B 239 21.82 22.25 4.95
C ALA B 239 22.88 21.39 4.27
N PRO B 240 22.78 21.18 2.96
CA PRO B 240 23.84 20.42 2.27
C PRO B 240 25.06 21.26 1.99
N ASP B 241 26.21 20.78 2.42
CA ASP B 241 27.48 21.42 2.10
C ASP B 241 27.89 20.92 0.71
N HIS B 242 27.77 21.78 -0.31
CA HIS B 242 27.92 21.36 -1.69
C HIS B 242 28.63 22.44 -2.51
N ARG B 243 29.09 22.04 -3.69
CA ARG B 243 29.76 22.93 -4.63
C ARG B 243 28.98 22.95 -5.94
N ALA B 244 28.99 24.10 -6.61
CA ALA B 244 28.32 24.28 -7.88
C ALA B 244 29.32 24.63 -8.96
N GLN B 245 28.99 24.31 -10.22
CA GLN B 245 29.87 24.63 -11.33
C GLN B 245 29.84 26.12 -11.68
N ARG B 246 28.64 26.73 -11.61
CA ARG B 246 28.40 28.09 -12.06
C ARG B 246 27.92 28.93 -10.88
N THR B 247 28.46 30.13 -10.76
CA THR B 247 27.88 31.12 -9.87
C THR B 247 26.56 31.65 -10.46
N MET B 248 25.84 32.46 -9.68
CA MET B 248 24.64 33.05 -10.22
C MET B 248 24.97 33.91 -11.44
N GLU B 249 26.12 34.59 -11.40
CA GLU B 249 26.47 35.48 -12.50
C GLU B 249 26.79 34.67 -13.76
N GLU B 250 27.51 33.57 -13.59
CA GLU B 250 27.89 32.73 -14.72
C GLU B 250 26.66 32.08 -15.36
N TYR B 251 25.77 31.52 -14.54
CA TYR B 251 24.54 30.96 -15.08
C TYR B 251 23.73 32.04 -15.79
N THR B 252 23.82 33.29 -15.31
CA THR B 252 23.05 34.36 -15.93
C THR B 252 23.59 34.67 -17.32
N GLU B 253 24.91 34.62 -17.49
CA GLU B 253 25.51 34.78 -18.81
C GLU B 253 24.97 33.72 -19.77
N ILE B 254 24.90 32.47 -19.31
CA ILE B 254 24.35 31.39 -20.11
C ILE B 254 22.92 31.71 -20.52
N VAL B 255 22.06 32.00 -19.53
CA VAL B 255 20.66 32.26 -19.83
C VAL B 255 20.53 33.40 -20.82
N ASP B 256 21.34 34.46 -20.65
CA ASP B 256 21.22 35.61 -21.53
C ASP B 256 21.67 35.29 -22.94
N LYS B 257 22.79 34.56 -23.07
CA LYS B 257 23.20 34.04 -24.37
C LYS B 257 22.05 33.33 -25.07
N LEU B 258 21.43 32.36 -24.38
CA LEU B 258 20.37 31.59 -25.02
C LEU B 258 19.13 32.42 -25.31
N VAL B 259 18.82 33.43 -24.50
CA VAL B 259 17.68 34.28 -24.83
C VAL B 259 17.95 35.05 -26.11
N GLY B 260 19.22 35.41 -26.36
CA GLY B 260 19.57 36.01 -27.64
C GLY B 260 19.23 35.10 -28.81
N ASP B 261 19.73 33.86 -28.78
CA ASP B 261 19.44 32.92 -29.85
C ASP B 261 17.95 32.77 -30.07
N ILE B 262 17.16 32.70 -28.98
CA ILE B 262 15.72 32.52 -29.12
C ILE B 262 15.07 33.74 -29.77
N GLU B 263 15.58 34.94 -29.49
CA GLU B 263 15.00 36.14 -30.08
C GLU B 263 15.37 36.25 -31.56
N ALA B 264 16.59 35.84 -31.90
CA ALA B 264 17.06 35.81 -33.28
C ALA B 264 16.44 34.69 -34.10
N GLY B 265 15.65 33.80 -33.48
CA GLY B 265 14.97 32.73 -34.20
C GLY B 265 15.70 31.39 -34.23
N GLU B 266 16.86 31.27 -33.56
CA GLU B 266 17.63 30.04 -33.62
C GLU B 266 16.91 28.87 -32.95
N ALA B 267 16.15 29.14 -31.89
CA ALA B 267 15.38 28.11 -31.23
C ALA B 267 14.19 28.78 -30.55
N PHE B 268 13.22 27.97 -30.17
CA PHE B 268 12.12 28.47 -29.37
C PHE B 268 12.34 28.26 -27.88
N GLN B 269 13.08 27.21 -27.53
CA GLN B 269 13.28 26.80 -26.14
C GLN B 269 14.59 26.03 -26.05
N VAL B 270 15.30 26.21 -24.95
CA VAL B 270 16.54 25.48 -24.69
C VAL B 270 16.64 25.22 -23.20
N VAL B 271 17.17 24.06 -22.85
CA VAL B 271 17.24 23.64 -21.45
C VAL B 271 18.70 23.52 -21.02
N PRO B 272 19.32 24.57 -20.48
CA PRO B 272 20.65 24.42 -19.90
C PRO B 272 20.54 23.88 -18.49
N SER B 273 21.69 23.52 -17.93
CA SER B 273 21.79 22.89 -16.62
C SER B 273 23.20 23.13 -16.08
N GLN B 274 23.40 22.79 -14.79
CA GLN B 274 24.74 22.66 -14.26
C GLN B 274 24.78 21.55 -13.23
N ARG B 275 25.99 21.18 -12.85
CA ARG B 275 26.24 20.08 -11.94
C ARG B 275 26.67 20.57 -10.58
N PHE B 276 26.12 19.93 -9.56
CA PHE B 276 26.44 20.18 -8.16
C PHE B 276 27.03 18.92 -7.59
N GLU B 277 27.90 19.07 -6.60
CA GLU B 277 28.50 17.90 -5.97
C GLU B 277 28.69 18.14 -4.49
N MET B 278 28.71 17.04 -3.74
CA MET B 278 28.98 17.11 -2.32
C MET B 278 29.69 15.84 -1.88
N ASP B 279 30.54 15.99 -0.86
CA ASP B 279 31.10 14.86 -0.16
C ASP B 279 30.04 14.20 0.69
N THR B 280 30.05 12.87 0.71
CA THR B 280 29.12 12.14 1.55
C THR B 280 29.67 10.77 1.87
N ALA B 281 29.47 10.35 3.11
CA ALA B 281 29.69 8.96 3.51
C ALA B 281 28.37 8.18 3.58
N ALA B 282 27.27 8.80 3.17
CA ALA B 282 25.97 8.14 3.23
C ALA B 282 25.91 6.97 2.27
N ASP B 283 25.24 5.92 2.70
CA ASP B 283 24.98 4.80 1.80
C ASP B 283 23.92 5.19 0.77
N PRO B 284 24.08 4.82 -0.49
CA PRO B 284 23.01 5.11 -1.48
C PRO B 284 21.63 4.62 -1.07
N LEU B 285 21.52 3.50 -0.37
CA LEU B 285 20.20 3.02 0.02
C LEU B 285 19.60 3.95 1.05
N ASP B 286 20.43 4.53 1.89
CA ASP B 286 19.89 5.51 2.85
C ASP B 286 19.43 6.78 2.15
N VAL B 287 20.16 7.21 1.11
CA VAL B 287 19.70 8.33 0.29
C VAL B 287 18.35 7.99 -0.34
N TYR B 288 18.22 6.77 -0.87
CA TYR B 288 16.95 6.31 -1.43
C TYR B 288 15.83 6.44 -0.41
N ARG B 289 16.08 5.95 0.81
CA ARG B 289 15.07 6.03 1.87
C ARG B 289 14.62 7.47 2.10
N ILE B 290 15.53 8.46 2.09
CA ILE B 290 15.09 9.83 2.35
C ILE B 290 14.28 10.37 1.17
N LEU B 291 14.71 10.05 -0.06
CA LEU B 291 13.95 10.47 -1.23
C LEU B 291 12.56 9.88 -1.22
N ARG B 292 12.44 8.63 -0.73
CA ARG B 292 11.17 7.91 -0.77
C ARG B 292 10.17 8.55 0.17
N VAL B 293 10.64 8.96 1.35
CA VAL B 293 9.74 9.53 2.35
C VAL B 293 9.46 10.99 2.02
N THR B 294 10.41 11.68 1.37
CA THR B 294 10.35 13.11 1.12
C THR B 294 9.76 13.46 -0.24
N ASN B 295 10.14 12.72 -1.28
CA ASN B 295 9.81 13.05 -2.67
C ASN B 295 9.29 11.79 -3.38
N PRO B 296 8.24 11.15 -2.87
CA PRO B 296 7.73 9.94 -3.54
C PRO B 296 7.29 10.27 -4.97
N SER B 297 7.69 9.43 -5.91
CA SER B 297 7.44 9.77 -7.31
C SER B 297 7.10 8.51 -8.11
N PRO B 298 6.59 8.66 -9.32
CA PRO B 298 6.26 7.46 -10.10
C PRO B 298 7.47 6.66 -10.51
N TYR B 299 8.67 7.20 -10.42
CA TYR B 299 9.91 6.48 -10.78
C TYR B 299 10.94 6.61 -9.67
N MET B 300 10.89 5.71 -8.69
CA MET B 300 11.94 5.58 -7.70
C MET B 300 12.92 4.51 -8.13
N TYR B 301 14.20 4.77 -7.99
CA TYR B 301 15.17 3.75 -8.36
C TYR B 301 16.45 3.85 -7.58
N LEU B 302 17.02 2.68 -7.33
CA LEU B 302 18.37 2.48 -6.83
C LEU B 302 19.02 1.44 -7.70
N LEU B 303 20.16 1.80 -8.30
CA LEU B 303 20.93 0.87 -9.13
C LEU B 303 22.35 0.86 -8.61
N ASN B 304 22.88 -0.31 -8.28
CA ASN B 304 24.28 -0.47 -7.91
C ASN B 304 25.02 -1.03 -9.12
N ILE B 305 25.83 -0.19 -9.74
CA ILE B 305 26.45 -0.51 -11.03
C ILE B 305 27.78 -1.21 -10.75
N PRO B 306 28.00 -2.39 -11.32
CA PRO B 306 29.25 -3.13 -11.10
C PRO B 306 30.37 -2.60 -11.98
N ASP B 307 31.59 -2.68 -11.46
CA ASP B 307 32.76 -2.48 -12.29
C ASP B 307 33.16 -3.85 -12.87
N ALA B 308 34.22 -3.87 -13.69
CA ALA B 308 34.58 -5.09 -14.39
C ALA B 308 35.09 -6.20 -13.47
N ASP B 309 35.47 -5.87 -12.24
CA ASP B 309 35.97 -6.85 -11.28
C ASP B 309 34.92 -7.32 -10.27
N GLY B 310 33.66 -6.92 -10.44
CA GLY B 310 32.64 -7.35 -9.52
C GLY B 310 32.49 -6.50 -8.28
N GLY B 311 33.25 -5.41 -8.18
CA GLY B 311 33.02 -4.44 -7.14
C GLY B 311 32.01 -3.40 -7.59
N LEU B 312 31.78 -2.45 -6.70
CA LEU B 312 30.85 -1.36 -6.98
C LEU B 312 31.59 -0.26 -7.70
N ASP B 313 31.17 0.02 -8.93
CA ASP B 313 31.64 1.19 -9.66
C ASP B 313 31.02 2.47 -9.13
N PHE B 314 29.69 2.57 -9.18
CA PHE B 314 28.96 3.70 -8.62
C PHE B 314 27.51 3.27 -8.45
N SER B 315 26.75 4.11 -7.74
CA SER B 315 25.32 3.91 -7.58
C SER B 315 24.55 5.09 -8.15
N ILE B 316 23.34 4.80 -8.62
CA ILE B 316 22.40 5.76 -9.15
C ILE B 316 21.19 5.68 -8.24
N VAL B 317 20.78 6.82 -7.68
CA VAL B 317 19.63 6.83 -6.80
C VAL B 317 18.80 8.05 -7.17
N GLY B 318 17.50 7.86 -7.42
CA GLY B 318 16.73 8.95 -7.97
C GLY B 318 15.25 8.77 -7.75
N SER B 319 14.51 9.87 -7.92
CA SER B 319 13.05 9.94 -7.77
C SER B 319 12.57 10.81 -8.92
N SER B 320 12.42 10.22 -10.05
CA SER B 320 12.12 11.06 -11.21
C SER B 320 10.61 11.21 -11.36
N PRO B 321 10.10 12.41 -11.59
CA PRO B 321 8.65 12.58 -11.74
C PRO B 321 8.13 12.38 -13.15
N GLU B 322 8.98 12.10 -14.14
CA GLU B 322 8.53 12.14 -15.53
C GLU B 322 9.12 10.97 -16.30
N ALA B 323 8.27 10.29 -17.05
CA ALA B 323 8.76 9.24 -17.95
C ALA B 323 9.15 9.82 -19.30
N LEU B 324 10.09 9.16 -19.97
CA LEU B 324 10.35 9.48 -21.37
C LEU B 324 9.28 8.85 -22.24
N VAL B 325 9.04 7.55 -22.04
CA VAL B 325 8.15 6.78 -22.89
C VAL B 325 7.91 5.45 -22.18
N THR B 326 6.69 4.95 -22.28
CA THR B 326 6.34 3.64 -21.81
C THR B 326 5.77 2.84 -22.99
N VAL B 327 6.17 1.59 -23.09
CA VAL B 327 5.71 0.70 -24.16
C VAL B 327 5.11 -0.52 -23.50
N LYS B 328 3.83 -0.76 -23.77
CA LYS B 328 3.16 -1.93 -23.23
C LYS B 328 2.29 -2.53 -24.34
N ASP B 329 2.57 -3.79 -24.67
CA ASP B 329 1.80 -4.56 -25.65
C ASP B 329 1.59 -3.75 -26.93
N GLY B 330 2.71 -3.34 -27.52
CA GLY B 330 2.69 -2.67 -28.80
C GLY B 330 2.32 -1.21 -28.77
N ARG B 331 1.84 -0.69 -27.64
CA ARG B 331 1.39 0.69 -27.52
C ARG B 331 2.45 1.52 -26.81
N ALA B 332 2.89 2.61 -27.44
CA ALA B 332 3.79 3.58 -26.84
C ALA B 332 2.99 4.77 -26.31
N THR B 333 3.42 5.28 -25.15
CA THR B 333 2.72 6.38 -24.49
C THR B 333 3.74 7.30 -23.85
N THR B 334 3.48 8.60 -23.94
CA THR B 334 4.29 9.62 -23.28
C THR B 334 3.38 10.62 -22.57
N HIS B 335 3.87 11.16 -21.45
CA HIS B 335 3.12 12.14 -20.67
C HIS B 335 4.01 13.33 -20.38
N PRO B 336 4.21 14.21 -21.36
CA PRO B 336 4.91 15.45 -21.08
C PRO B 336 4.12 16.28 -20.08
N ILE B 337 4.82 16.81 -19.10
CA ILE B 337 4.20 17.58 -18.03
C ILE B 337 4.23 19.05 -18.41
N ALA B 338 3.06 19.69 -18.36
CA ALA B 338 3.00 21.14 -18.57
C ALA B 338 3.52 21.88 -17.36
N GLY B 339 2.88 21.69 -16.20
CA GLY B 339 3.27 22.36 -14.99
C GLY B 339 2.94 21.54 -13.77
N THR B 340 3.40 22.03 -12.62
CA THR B 340 3.27 21.30 -11.37
C THR B 340 3.04 22.29 -10.23
N ARG B 341 2.29 21.86 -9.22
CA ARG B 341 2.04 22.66 -8.02
C ARG B 341 2.31 21.84 -6.77
N TRP B 342 2.42 22.56 -5.65
CA TRP B 342 2.83 21.97 -4.38
C TRP B 342 1.71 21.29 -3.61
N ARG B 343 0.54 21.11 -4.21
CA ARG B 343 -0.51 20.29 -3.60
C ARG B 343 -1.08 20.94 -2.33
N ASP B 350 -7.62 22.63 -1.70
CA ASP B 350 -6.51 22.25 -2.55
C ASP B 350 -6.87 22.32 -4.04
N VAL B 351 -8.17 22.42 -4.32
CA VAL B 351 -8.63 22.44 -5.71
C VAL B 351 -8.31 23.74 -6.41
N LEU B 352 -7.85 24.76 -5.68
CA LEU B 352 -7.55 26.05 -6.31
C LEU B 352 -6.17 26.05 -6.97
N LEU B 353 -5.22 25.28 -6.43
CA LEU B 353 -3.95 25.08 -7.14
C LEU B 353 -4.17 24.39 -8.48
N GLU B 354 -5.23 23.58 -8.57
CA GLU B 354 -5.55 22.84 -9.79
C GLU B 354 -5.94 23.76 -10.94
N LYS B 355 -7.11 24.39 -10.84
CA LYS B 355 -7.55 25.30 -11.90
C LYS B 355 -6.59 26.47 -12.07
N GLU B 356 -5.78 26.76 -11.06
CA GLU B 356 -4.70 27.72 -11.20
C GLU B 356 -3.64 27.24 -12.19
N LEU B 357 -3.56 25.94 -12.46
CA LEU B 357 -2.62 25.40 -13.44
C LEU B 357 -3.22 25.20 -14.81
N LEU B 358 -4.49 24.78 -14.88
CA LEU B 358 -5.18 24.75 -16.17
C LEU B 358 -5.30 26.15 -16.78
N ALA B 359 -5.28 27.19 -15.94
CA ALA B 359 -5.42 28.56 -16.39
C ALA B 359 -4.08 29.21 -16.69
N ASP B 360 -2.99 28.47 -16.63
CA ASP B 360 -1.68 28.99 -16.97
C ASP B 360 -1.47 28.79 -18.48
N GLU B 361 -1.66 29.86 -19.25
CA GLU B 361 -1.38 29.86 -20.67
C GLU B 361 0.11 30.06 -20.97
N LYS B 362 0.93 30.27 -19.94
CA LYS B 362 2.37 30.27 -20.12
C LYS B 362 2.80 28.87 -20.54
N GLU B 366 4.10 26.85 -25.32
CA GLU B 366 5.41 26.28 -25.07
C GLU B 366 5.31 24.81 -24.71
N HIS B 367 4.39 24.49 -23.81
CA HIS B 367 4.08 23.10 -23.51
C HIS B 367 3.78 22.32 -24.79
N LEU B 368 3.00 22.92 -25.69
CA LEU B 368 2.53 22.19 -26.86
C LEU B 368 3.56 22.14 -27.99
N MET B 369 4.62 22.91 -27.89
CA MET B 369 5.76 22.68 -28.76
C MET B 369 6.41 21.34 -28.45
N LEU B 370 6.49 20.98 -27.17
CA LEU B 370 7.01 19.68 -26.79
C LEU B 370 6.01 18.57 -27.06
N VAL B 371 4.70 18.85 -26.92
CA VAL B 371 3.70 17.90 -27.37
C VAL B 371 3.81 17.70 -28.88
N ASP B 372 4.28 18.72 -29.59
CA ASP B 372 4.54 18.59 -31.02
C ASP B 372 5.75 17.71 -31.27
N LEU B 373 6.84 17.95 -30.55
CA LEU B 373 8.01 17.07 -30.67
C LEU B 373 7.63 15.61 -30.43
N GLY B 374 6.79 15.36 -29.42
CA GLY B 374 6.40 13.98 -29.12
C GLY B 374 5.50 13.37 -30.17
N ARG B 375 4.61 14.19 -30.76
CA ARG B 375 3.77 13.70 -31.85
C ARG B 375 4.64 13.25 -33.01
N ASN B 376 5.63 14.07 -33.39
CA ASN B 376 6.58 13.68 -34.44
C ASN B 376 7.34 12.42 -34.02
N ASP B 377 7.91 12.45 -32.82
CA ASP B 377 8.79 11.38 -32.36
C ASP B 377 8.11 10.01 -32.46
N LEU B 378 6.91 9.89 -31.89
CA LEU B 378 6.20 8.62 -31.99
C LEU B 378 5.72 8.32 -33.41
N GLY B 379 5.53 9.35 -34.24
CA GLY B 379 5.08 9.10 -35.60
C GLY B 379 6.11 8.32 -36.39
N ARG B 380 7.37 8.43 -36.03
CA ARG B 380 8.44 7.76 -36.75
C ARG B 380 8.50 6.27 -36.46
N VAL B 381 7.79 5.79 -35.43
CA VAL B 381 7.83 4.37 -35.07
C VAL B 381 6.45 3.75 -34.98
N CYS B 382 5.40 4.52 -35.18
CA CYS B 382 4.04 4.03 -34.98
C CYS B 382 3.34 3.89 -36.33
N ARG B 383 2.29 3.09 -36.32
CA ARG B 383 1.46 2.92 -37.50
C ARG B 383 0.81 4.25 -37.88
N PRO B 384 0.67 4.56 -39.18
CA PRO B 384 0.07 5.84 -39.56
C PRO B 384 -1.32 6.01 -38.99
N GLY B 385 -1.63 7.22 -38.53
CA GLY B 385 -2.93 7.54 -37.99
C GLY B 385 -3.19 7.07 -36.57
N THR B 386 -2.30 6.28 -35.97
CA THR B 386 -2.52 5.77 -34.62
C THR B 386 -2.02 6.71 -33.53
N VAL B 387 -1.28 7.75 -33.90
CA VAL B 387 -0.70 8.68 -32.92
C VAL B 387 -1.78 9.69 -32.53
N ARG B 388 -2.30 9.57 -31.32
CA ARG B 388 -3.31 10.49 -30.80
C ARG B 388 -2.67 11.39 -29.74
N VAL B 389 -3.12 12.64 -29.72
CA VAL B 389 -2.75 13.59 -28.68
C VAL B 389 -4.01 13.84 -27.84
N ASP B 390 -3.79 14.35 -26.63
CA ASP B 390 -4.88 14.51 -25.67
C ASP B 390 -4.55 15.72 -24.78
N ASP B 391 -4.72 16.91 -25.36
CA ASP B 391 -4.31 18.16 -24.73
C ASP B 391 -4.78 18.25 -23.29
N TYR B 392 -3.83 18.41 -22.37
CA TYR B 392 -4.13 18.64 -20.96
C TYR B 392 -5.15 17.62 -20.47
N SER B 393 -4.91 16.35 -20.83
CA SER B 393 -5.89 15.30 -20.64
C SER B 393 -6.30 15.13 -19.18
N HIS B 394 -5.38 15.37 -18.25
CA HIS B 394 -5.70 15.15 -16.84
C HIS B 394 -4.59 15.73 -15.98
N ILE B 395 -4.87 15.78 -14.69
CA ILE B 395 -3.91 16.13 -13.67
C ILE B 395 -3.42 14.84 -13.03
N GLU B 396 -2.25 14.90 -12.39
CA GLU B 396 -1.72 13.78 -11.64
C GLU B 396 -1.35 14.28 -10.26
N ARG B 397 -2.11 13.83 -9.25
CA ARG B 397 -1.90 14.26 -7.87
C ARG B 397 -1.07 13.20 -7.14
N TYR B 398 0.12 13.57 -6.73
CA TYR B 398 0.98 12.72 -5.92
C TYR B 398 0.86 13.16 -4.47
N SER B 399 1.74 12.65 -3.63
CA SER B 399 1.60 12.91 -2.19
C SER B 399 1.83 14.38 -1.89
N HIS B 400 2.95 14.93 -2.35
CA HIS B 400 3.30 16.30 -2.03
C HIS B 400 3.24 17.24 -3.22
N VAL B 401 2.90 16.75 -4.42
CA VAL B 401 2.79 17.59 -5.60
C VAL B 401 1.65 17.12 -6.49
N MET B 402 1.36 17.93 -7.52
CA MET B 402 0.36 17.63 -8.52
C MET B 402 0.90 18.07 -9.87
N HIS B 403 0.62 17.29 -10.90
CA HIS B 403 1.11 17.58 -12.25
C HIS B 403 -0.07 17.72 -13.21
N LEU B 404 0.08 18.61 -14.17
CA LEU B 404 -0.81 18.68 -15.32
C LEU B 404 -0.10 18.02 -16.50
N VAL B 405 -0.70 16.96 -17.04
CA VAL B 405 -0.07 16.17 -18.09
C VAL B 405 -0.96 16.18 -19.33
N SER B 406 -0.30 16.10 -20.49
CA SER B 406 -0.95 15.74 -21.74
C SER B 406 -0.44 14.37 -22.17
N THR B 407 -1.31 13.60 -22.79
CA THR B 407 -1.01 12.22 -23.17
C THR B 407 -0.83 12.11 -24.68
N VAL B 408 0.26 11.48 -25.09
CA VAL B 408 0.49 11.13 -26.49
C VAL B 408 0.71 9.62 -26.54
N THR B 409 -0.11 8.93 -27.32
CA THR B 409 0.01 7.49 -27.47
C THR B 409 -0.01 7.13 -28.94
N GLY B 410 0.33 5.88 -29.21
CA GLY B 410 0.34 5.39 -30.57
C GLY B 410 0.66 3.91 -30.56
N GLU B 411 0.38 3.26 -31.68
CA GLU B 411 0.62 1.84 -31.85
C GLU B 411 1.89 1.64 -32.67
N LEU B 412 2.81 0.85 -32.13
CA LEU B 412 4.09 0.63 -32.81
C LEU B 412 3.88 -0.13 -34.11
N ALA B 413 4.61 0.29 -35.14
CA ALA B 413 4.68 -0.46 -36.38
C ALA B 413 5.19 -1.88 -36.13
N GLU B 414 4.90 -2.78 -37.06
CA GLU B 414 5.26 -4.19 -36.85
C GLU B 414 6.76 -4.42 -36.94
N ASP B 415 7.51 -3.55 -37.63
CA ASP B 415 8.96 -3.66 -37.68
C ASP B 415 9.65 -2.72 -36.69
N LYS B 416 8.93 -2.25 -35.68
CA LYS B 416 9.50 -1.37 -34.66
C LYS B 416 9.37 -1.99 -33.28
N THR B 417 10.41 -1.85 -32.48
CA THR B 417 10.46 -2.39 -31.13
C THR B 417 10.31 -1.27 -30.11
N ALA B 418 10.24 -1.67 -28.84
CA ALA B 418 10.23 -0.69 -27.76
C ALA B 418 11.52 0.12 -27.77
N LEU B 419 12.64 -0.51 -28.11
CA LEU B 419 13.89 0.25 -28.19
C LEU B 419 13.81 1.34 -29.24
N ASP B 420 13.13 1.08 -30.36
CA ASP B 420 12.98 2.14 -31.36
C ASP B 420 12.15 3.28 -30.79
N ALA B 421 11.15 2.96 -29.96
CA ALA B 421 10.38 4.02 -29.31
C ALA B 421 11.28 4.88 -28.44
N VAL B 422 12.19 4.24 -27.70
CA VAL B 422 13.08 4.98 -26.81
C VAL B 422 14.00 5.89 -27.61
N THR B 423 14.66 5.36 -28.65
CA THR B 423 15.58 6.18 -29.43
C THR B 423 14.87 7.29 -30.19
N ALA B 424 13.63 7.04 -30.64
CA ALA B 424 12.89 8.07 -31.36
C ALA B 424 12.59 9.27 -30.46
N CYS B 425 12.33 9.02 -29.18
CA CYS B 425 11.94 10.06 -28.22
C CYS B 425 13.12 10.69 -27.49
N PHE B 426 14.33 10.25 -27.75
CA PHE B 426 15.47 10.46 -26.85
C PHE B 426 16.37 11.58 -27.36
N PRO B 427 16.78 12.54 -26.50
CA PRO B 427 16.37 12.76 -25.11
C PRO B 427 15.09 13.54 -25.01
N ALA B 428 14.49 13.54 -23.82
CA ALA B 428 13.26 14.27 -23.61
C ALA B 428 13.39 15.70 -24.12
N GLY B 429 12.34 16.19 -24.75
CA GLY B 429 12.33 17.59 -25.17
C GLY B 429 12.37 18.54 -23.99
N THR B 430 11.71 18.17 -22.90
CA THR B 430 11.78 18.95 -21.66
C THR B 430 13.19 19.06 -21.13
N LEU B 431 14.10 18.21 -21.59
CA LEU B 431 15.48 18.22 -21.16
C LEU B 431 16.45 18.72 -22.21
N SER B 432 15.97 19.19 -23.37
CA SER B 432 16.85 19.63 -24.44
C SER B 432 16.33 20.94 -25.00
N GLY B 433 15.24 20.88 -25.74
CA GLY B 433 14.60 22.07 -26.24
C GLY B 433 13.91 21.79 -27.56
N ALA B 434 13.57 22.88 -28.26
CA ALA B 434 12.86 22.78 -29.52
C ALA B 434 13.32 23.92 -30.42
N PRO B 435 13.80 23.63 -31.64
CA PRO B 435 14.02 22.30 -32.23
C PRO B 435 15.01 21.51 -31.39
N LYS B 436 14.80 20.20 -31.28
CA LYS B 436 15.62 19.41 -30.36
C LYS B 436 17.09 19.47 -30.74
N VAL B 437 17.41 19.26 -32.02
CA VAL B 437 18.81 19.17 -32.40
C VAL B 437 19.50 20.51 -32.22
N ARG B 438 18.84 21.60 -32.58
CA ARG B 438 19.46 22.91 -32.39
C ARG B 438 19.61 23.20 -30.90
N ALA B 439 18.59 22.88 -30.11
CA ALA B 439 18.68 23.04 -28.67
C ALA B 439 19.89 22.31 -28.10
N MET B 440 20.13 21.07 -28.56
CA MET B 440 21.24 20.27 -28.04
C MET B 440 22.58 20.84 -28.48
N GLU B 441 22.62 21.48 -29.66
CA GLU B 441 23.85 22.13 -30.10
C GLU B 441 24.21 23.29 -29.18
N LEU B 442 23.22 24.10 -28.83
CA LEU B 442 23.47 25.21 -27.93
C LEU B 442 23.84 24.72 -26.53
N ILE B 443 23.14 23.70 -26.04
CA ILE B 443 23.50 23.10 -24.76
C ILE B 443 24.98 22.76 -24.75
N GLU B 444 25.45 22.06 -25.79
CA GLU B 444 26.86 21.70 -25.88
C GLU B 444 27.74 22.94 -25.85
N GLU B 445 27.23 24.07 -26.33
CA GLU B 445 28.06 25.27 -26.39
C GLU B 445 28.22 25.90 -25.01
N VAL B 446 27.13 25.96 -24.23
CA VAL B 446 27.14 26.72 -22.99
C VAL B 446 27.55 25.91 -21.76
N GLU B 447 27.40 24.59 -21.78
CA GLU B 447 27.70 23.81 -20.58
C GLU B 447 29.19 23.45 -20.56
N LYS B 448 29.66 23.16 -19.34
CA LYS B 448 31.06 22.93 -19.04
C LYS B 448 31.47 21.48 -19.26
N THR B 449 30.64 20.55 -18.81
CA THR B 449 30.97 19.12 -18.77
C THR B 449 29.90 18.35 -19.51
N ARG B 450 30.27 17.18 -20.00
CA ARG B 450 29.27 16.28 -20.54
C ARG B 450 28.30 15.89 -19.45
N ARG B 451 27.04 15.77 -19.83
CA ARG B 451 25.96 15.56 -18.87
C ARG B 451 26.05 14.21 -18.19
N GLY B 452 26.60 13.20 -18.87
CA GLY B 452 26.60 11.85 -18.33
C GLY B 452 25.19 11.31 -18.28
N LEU B 453 24.77 10.91 -17.08
CA LEU B 453 23.41 10.40 -16.93
C LEU B 453 22.35 11.48 -17.06
N TYR B 454 22.65 12.70 -16.60
CA TYR B 454 21.65 13.75 -16.55
C TYR B 454 20.98 13.98 -17.89
N GLY B 455 19.65 13.90 -17.91
CA GLY B 455 18.90 14.06 -19.12
C GLY B 455 18.81 12.81 -19.99
N GLY B 456 19.48 11.74 -19.58
CA GLY B 456 19.24 10.42 -20.15
C GLY B 456 18.00 9.77 -19.56
N VAL B 457 18.05 8.45 -19.41
CA VAL B 457 16.92 7.70 -18.89
C VAL B 457 17.41 6.56 -18.03
N VAL B 458 16.52 6.15 -17.14
CA VAL B 458 16.72 5.02 -16.21
C VAL B 458 15.45 4.20 -16.28
N GLY B 459 15.59 2.91 -16.55
CA GLY B 459 14.41 2.05 -16.63
C GLY B 459 14.75 0.70 -17.18
N TYR B 460 13.78 0.12 -17.90
CA TYR B 460 13.99 -1.24 -18.34
C TYR B 460 13.38 -1.50 -19.71
N LEU B 461 13.98 -2.50 -20.34
CA LEU B 461 13.44 -3.17 -21.50
C LEU B 461 13.23 -4.62 -21.13
N ASP B 462 12.00 -5.13 -21.23
CA ASP B 462 11.79 -6.51 -20.83
C ASP B 462 11.92 -7.39 -22.06
N PHE B 463 11.93 -8.70 -21.82
CA PHE B 463 12.20 -9.65 -22.91
C PHE B 463 10.96 -9.87 -23.78
N ALA B 464 9.82 -9.32 -23.38
CA ALA B 464 8.56 -9.43 -24.11
C ALA B 464 8.30 -8.23 -25.00
N GLY B 465 9.24 -7.30 -25.12
CA GLY B 465 9.07 -6.15 -25.97
C GLY B 465 8.45 -4.93 -25.33
N ASN B 466 8.33 -4.90 -24.01
CA ASN B 466 7.84 -3.72 -23.30
C ASN B 466 9.02 -2.91 -22.78
N ALA B 467 8.73 -1.67 -22.37
CA ALA B 467 9.76 -0.86 -21.73
C ALA B 467 9.09 0.21 -20.88
N ASP B 468 9.85 0.74 -19.92
CA ASP B 468 9.36 1.87 -19.13
C ASP B 468 10.62 2.61 -18.69
N PHE B 469 10.80 3.84 -19.19
CA PHE B 469 11.99 4.63 -18.88
C PHE B 469 11.61 5.97 -18.28
N ALA B 470 12.25 6.28 -17.15
CA ALA B 470 12.16 7.58 -16.52
C ALA B 470 13.21 8.51 -17.08
N ILE B 471 12.87 9.79 -17.21
CA ILE B 471 13.91 10.77 -17.48
C ILE B 471 14.81 10.87 -16.24
N ALA B 472 16.12 10.91 -16.47
CA ALA B 472 17.10 10.87 -15.39
C ALA B 472 17.34 12.28 -14.89
N ILE B 473 16.39 12.72 -14.08
CA ILE B 473 16.44 13.94 -13.32
C ILE B 473 16.15 13.61 -11.86
N ARG B 474 16.35 14.61 -11.01
CA ARG B 474 16.22 14.42 -9.57
C ARG B 474 16.91 13.14 -9.13
N THR B 475 18.15 13.00 -9.58
CA THR B 475 18.96 11.80 -9.46
C THR B 475 20.37 12.16 -9.01
N ALA B 476 20.94 11.33 -8.13
CA ALA B 476 22.32 11.44 -7.69
C ALA B 476 23.13 10.31 -8.29
N LEU B 477 24.34 10.62 -8.67
CA LEU B 477 25.34 9.59 -8.98
C LEU B 477 26.34 9.58 -7.85
N MET B 478 26.41 8.47 -7.14
CA MET B 478 27.27 8.35 -5.97
C MET B 478 28.45 7.46 -6.30
N ARG B 479 29.65 7.99 -6.15
CA ARG B 479 30.87 7.28 -6.54
C ARG B 479 31.99 7.65 -5.59
N ASN B 480 32.52 6.67 -4.85
CA ASN B 480 33.67 6.84 -3.97
C ASN B 480 33.58 8.08 -3.06
N GLY B 481 32.47 8.21 -2.36
CA GLY B 481 32.36 9.26 -1.36
C GLY B 481 31.99 10.62 -1.87
N THR B 482 31.66 10.73 -3.15
CA THR B 482 31.15 11.94 -3.77
C THR B 482 29.79 11.68 -4.39
N ALA B 483 28.88 12.61 -4.21
CA ALA B 483 27.61 12.59 -4.89
C ALA B 483 27.54 13.74 -5.87
N TYR B 484 27.10 13.42 -7.09
CA TYR B 484 26.88 14.39 -8.15
C TYR B 484 25.39 14.54 -8.37
N VAL B 485 24.92 15.79 -8.48
CA VAL B 485 23.51 16.08 -8.74
C VAL B 485 23.46 17.20 -9.76
N GLN B 486 22.91 16.90 -10.94
CA GLN B 486 22.72 17.90 -11.99
C GLN B 486 21.26 18.32 -12.11
N ALA B 487 21.06 19.59 -12.45
CA ALA B 487 19.71 20.12 -12.61
C ALA B 487 19.74 21.33 -13.54
N GLY B 488 18.59 21.60 -14.14
CA GLY B 488 18.47 22.63 -15.15
C GLY B 488 17.03 23.05 -15.30
N GLY B 489 16.75 23.80 -16.37
CA GLY B 489 15.39 24.26 -16.58
C GLY B 489 15.24 24.95 -17.91
N GLY B 490 14.02 24.93 -18.47
CA GLY B 490 13.76 25.52 -19.77
C GLY B 490 13.95 27.02 -19.80
N VAL B 491 14.70 27.48 -20.81
CA VAL B 491 14.92 28.90 -21.08
C VAL B 491 14.12 29.28 -22.32
N VAL B 492 13.32 30.34 -22.21
CA VAL B 492 12.56 30.87 -23.33
C VAL B 492 12.94 32.33 -23.57
N ALA B 493 12.14 33.06 -24.33
CA ALA B 493 12.50 34.44 -24.68
C ALA B 493 12.45 35.36 -23.46
N ASP B 494 11.48 35.17 -22.58
CA ASP B 494 11.29 36.06 -21.45
C ASP B 494 12.06 35.64 -20.22
N SER B 495 12.99 34.70 -20.35
CA SER B 495 13.64 34.11 -19.20
C SER B 495 14.58 35.09 -18.53
N ASN B 496 14.63 35.01 -17.21
CA ASN B 496 15.53 35.80 -16.38
C ASN B 496 16.60 34.90 -15.76
N GLY B 497 17.86 35.30 -15.90
CA GLY B 497 18.99 34.53 -15.42
C GLY B 497 18.90 34.15 -13.95
N PRO B 498 18.81 35.16 -13.07
CA PRO B 498 18.73 34.85 -11.64
C PRO B 498 17.55 33.96 -11.27
N TYR B 499 16.40 34.15 -11.91
CA TYR B 499 15.27 33.28 -11.62
C TYR B 499 15.56 31.84 -12.05
N GLU B 500 16.12 31.65 -13.24
CA GLU B 500 16.39 30.30 -13.74
C GLU B 500 17.50 29.62 -12.96
N TYR B 501 18.55 30.36 -12.60
CA TYR B 501 19.59 29.82 -11.70
C TYR B 501 18.96 29.28 -10.44
N THR B 502 18.07 30.06 -9.84
CA THR B 502 17.47 29.70 -8.57
C THR B 502 16.56 28.49 -8.71
N GLU B 503 15.73 28.47 -9.76
CA GLU B 503 14.84 27.33 -10.01
C GLU B 503 15.63 26.05 -10.15
N ALA B 504 16.71 26.10 -10.91
CA ALA B 504 17.51 24.89 -11.17
C ALA B 504 18.23 24.44 -9.91
N ALA B 505 18.76 25.39 -9.12
CA ALA B 505 19.41 25.03 -7.87
C ALA B 505 18.41 24.41 -6.89
N ASN B 506 17.15 24.86 -6.90
CA ASN B 506 16.11 24.28 -6.05
C ASN B 506 15.84 22.81 -6.43
N LYS B 507 15.85 22.52 -7.73
CA LYS B 507 15.70 21.14 -8.17
C LYS B 507 16.87 20.28 -7.68
N ALA B 508 18.08 20.79 -7.80
CA ALA B 508 19.25 20.06 -7.30
C ALA B 508 19.16 19.88 -5.80
N ARG B 509 18.72 20.93 -5.09
CA ARG B 509 18.68 20.84 -3.64
C ARG B 509 17.71 19.78 -3.15
N ALA B 510 16.67 19.44 -3.90
CA ALA B 510 15.82 18.32 -3.50
C ALA B 510 16.65 17.06 -3.24
N VAL B 511 17.64 16.78 -4.10
CA VAL B 511 18.48 15.58 -3.95
C VAL B 511 19.60 15.84 -2.95
N LEU B 512 20.28 16.99 -3.06
CA LEU B 512 21.33 17.33 -2.11
C LEU B 512 20.82 17.33 -0.68
N ASN B 513 19.60 17.84 -0.47
CA ASN B 513 18.97 17.80 0.86
C ASN B 513 18.80 16.37 1.35
N ALA B 514 18.40 15.46 0.45
CA ALA B 514 18.20 14.07 0.86
C ALA B 514 19.52 13.43 1.25
N ILE B 515 20.59 13.74 0.52
CA ILE B 515 21.89 13.20 0.83
C ILE B 515 22.37 13.69 2.18
N ALA B 516 22.24 15.00 2.40
CA ALA B 516 22.60 15.58 3.69
C ALA B 516 21.79 14.96 4.83
N ALA B 517 20.49 14.79 4.62
CA ALA B 517 19.65 14.19 5.66
C ALA B 517 20.02 12.75 5.90
N ALA B 518 20.34 11.99 4.83
CA ALA B 518 20.64 10.58 5.04
C ALA B 518 21.85 10.38 5.95
N ALA B 519 22.81 11.30 5.91
CA ALA B 519 23.97 11.23 6.78
C ALA B 519 23.60 11.29 8.25
N THR B 520 22.42 11.81 8.59
CA THR B 520 21.99 11.93 9.99
C THR B 520 21.19 10.74 10.48
N LEU B 521 20.85 9.78 9.62
CA LEU B 521 20.01 8.67 10.08
C LEU B 521 20.61 8.00 11.30
N ALA B 522 19.76 7.78 12.30
CA ALA B 522 20.17 7.27 13.59
C ALA B 522 18.97 6.58 14.23
N GLU B 523 19.25 5.75 15.24
CA GLU B 523 18.15 5.20 16.03
C GLU B 523 17.51 6.33 16.84
N PRO B 524 16.18 6.32 16.98
CA PRO B 524 15.49 7.34 17.77
C PRO B 524 15.83 7.23 19.24
C BEZ C . -22.81 -14.40 8.27
O1 BEZ C . -23.21 -15.12 9.20
O2 BEZ C . -21.63 -14.47 7.87
C1 BEZ C . -23.77 -13.49 7.57
C2 BEZ C . -25.13 -13.51 7.94
C3 BEZ C . -26.03 -12.67 7.28
C4 BEZ C . -25.58 -11.80 6.30
C5 BEZ C . -24.23 -11.78 5.93
C6 BEZ C . -23.32 -12.64 6.57
H2 BEZ C . -25.47 -14.17 8.72
H3 BEZ C . -27.06 -12.59 7.65
H4 BEZ C . -26.28 -11.14 5.79
H5 BEZ C . -23.89 -11.08 5.17
H6 BEZ C . -22.32 -12.75 6.17
MG MG D . -30.10 -14.89 1.11
MG MG E . -39.79 3.17 8.93
C PYR F . -22.40 4.45 35.84
O PYR F . -23.54 3.76 35.71
OXT PYR F . -21.25 3.86 35.78
CA PYR F . -22.34 5.82 36.08
O3 PYR F . -23.19 6.71 35.62
CB PYR F . -21.17 6.30 36.89
HB1 PYR F . -20.31 6.45 36.24
HB2 PYR F . -21.44 7.24 37.37
HB3 PYR F . -20.92 5.56 37.65
C1 GOL G . -44.67 -7.67 9.86
O1 GOL G . -45.29 -7.00 10.92
C2 GOL G . -45.56 -8.67 9.15
O2 GOL G . -46.92 -8.44 9.44
C3 GOL G . -45.46 -8.67 7.63
O3 GOL G . -45.85 -9.90 7.15
H11 GOL G . -44.32 -6.94 9.13
H12 GOL G . -43.80 -8.20 10.25
HO1 GOL G . -44.64 -6.42 11.37
H2 GOL G . -45.30 -9.66 9.49
HO2 GOL G . -47.21 -7.59 9.06
H31 GOL G . -46.10 -7.89 7.21
H32 GOL G . -44.43 -8.47 7.33
HO3 GOL G . -45.49 -10.03 6.25
C1 GOL H . -18.56 -16.49 18.99
O1 GOL H . -19.61 -15.87 19.70
C2 GOL H . -18.68 -16.19 17.50
O2 GOL H . -18.20 -14.91 17.16
C3 GOL H . -17.84 -17.16 16.69
O3 GOL H . -17.89 -16.73 15.36
H11 GOL H . -17.60 -16.12 19.37
H12 GOL H . -18.60 -17.57 19.15
HO1 GOL H . -19.56 -16.12 20.64
H2 GOL H . -19.72 -16.30 17.20
HO2 GOL H . -17.25 -14.85 17.38
H31 GOL H . -16.81 -17.16 17.05
H32 GOL H . -18.24 -18.17 16.78
HO3 GOL H . -17.02 -16.90 14.92
C BEZ I . 15.64 19.01 -13.84
O1 BEZ I . 15.33 18.46 -12.76
O2 BEZ I . 16.82 19.25 -14.06
C1 BEZ I . 14.58 19.42 -14.82
C2 BEZ I . 13.24 19.23 -14.54
C3 BEZ I . 12.27 19.62 -15.46
C4 BEZ I . 12.65 20.20 -16.67
C5 BEZ I . 13.99 20.38 -16.95
C6 BEZ I . 14.97 20.00 -16.04
H2 BEZ I . 12.94 18.78 -13.58
H3 BEZ I . 11.21 19.41 -15.26
H4 BEZ I . 11.88 20.45 -17.41
H5 BEZ I . 14.29 20.84 -17.90
H6 BEZ I . 16.02 20.27 -16.21
MG MG J . 10.38 27.31 -17.13
C1 GOL K . 35.26 15.14 -9.02
O1 GOL K . 34.67 15.63 -7.83
C2 GOL K . 34.54 15.72 -10.25
O2 GOL K . 34.32 17.11 -10.08
C3 GOL K . 35.36 15.42 -11.51
O3 GOL K . 35.48 16.59 -12.29
H11 GOL K . 36.30 15.41 -9.05
H12 GOL K . 35.18 14.06 -9.05
HO1 GOL K . 35.10 15.19 -7.06
H2 GOL K . 33.59 15.21 -10.34
HO2 GOL K . 35.17 17.58 -10.02
H31 GOL K . 36.35 15.06 -11.23
H32 GOL K . 34.87 14.64 -12.09
HO3 GOL K . 35.25 16.38 -13.22
C1 GOL L . 9.42 1.66 -11.49
O1 GOL L . 8.80 2.93 -11.61
C2 GOL L . 8.39 0.52 -11.56
O2 GOL L . 8.80 -0.47 -12.48
C3 GOL L . 8.18 -0.12 -10.19
O3 GOL L . 6.80 -0.44 -10.04
H11 GOL L . 10.15 1.54 -12.29
H12 GOL L . 9.95 1.61 -10.54
HO1 GOL L . 9.47 3.63 -11.50
H2 GOL L . 7.44 0.95 -11.89
HO2 GOL L . 9.64 -0.87 -12.17
H31 GOL L . 8.78 -1.01 -10.11
H32 GOL L . 8.49 0.58 -9.40
HO3 GOL L . 6.36 0.27 -9.53
#